data_7H6Z
#
_entry.id   7H6Z
#
_cell.length_a   87.467
_cell.length_b   87.467
_cell.length_c   85.681
_cell.angle_alpha   90.00
_cell.angle_beta   90.00
_cell.angle_gamma   120.00
#
_symmetry.space_group_name_H-M   'P 31'
#
loop_
_entity.id
_entity.type
_entity.pdbx_description
1 polymer 'Non-structural protein 3'
2 non-polymer 'DIMETHYL SULFOXIDE'
3 non-polymer 2-AMINO-2-HYDROXYMETHYL-PROPANE-1,3-DIOL
4 non-polymer 'CHLORIDE ION'
5 non-polymer {(1R,2R)-2-[(Z)-(3-methyl-1,2,4-thiadiazol-5(2H)-ylidene)amino]cyclopentyl}methanol
6 water water
#
_entity_poly.entity_id   1
_entity_poly.type   'polypeptide(L)'
_entity_poly.pdbx_seq_one_letter_code
;GAMAPSYRVKRMDIAKNDEECVVNAANPRGLPGDGVCKAVYKKWPESFKNSATPVGTAKTVMCGTYPVIHAVGPNFSNYT
ESEGDRELAAAYREVAKEVTRLGVNSVAIPLLSTGVYSGGKDRLTQSLNHLFTAMDSTDADVVIYCRDKEWEKKISEAIQ
MRT
;
_entity_poly.pdbx_strand_id   A,B,C,D
#
loop_
_chem_comp.id
_chem_comp.type
_chem_comp.name
_chem_comp.formula
CL non-polymer 'CHLORIDE ION' 'Cl -1'
DMS non-polymer 'DIMETHYL SULFOXIDE' 'C2 H6 O S'
LF6 non-polymer {(1R,2R)-2-[(Z)-(3-methyl-1,2,4-thiadiazol-5(2H)-ylidene)amino]cyclopentyl}methanol 'C9 H15 N3 O S'
TRS non-polymer 2-AMINO-2-HYDROXYMETHYL-PROPANE-1,3-DIOL 'C4 H12 N O3 1'
#
# COMPACT_ATOMS: atom_id res chain seq x y z
N GLY A 1 -19.88 7.48 12.22
CA GLY A 1 -20.91 7.71 11.15
C GLY A 1 -20.59 8.96 10.34
N ALA A 2 -21.17 9.11 9.15
CA ALA A 2 -21.06 10.35 8.36
C ALA A 2 -21.85 11.48 9.02
N MET A 3 -21.44 12.74 8.88
CA MET A 3 -22.20 13.84 9.58
C MET A 3 -23.63 14.00 9.01
N ALA A 4 -23.81 13.74 7.72
CA ALA A 4 -25.13 13.86 7.06
C ALA A 4 -25.21 12.73 6.03
N PRO A 5 -25.45 11.50 6.51
CA PRO A 5 -25.34 10.33 5.62
C PRO A 5 -26.07 10.54 4.28
N SER A 6 -25.42 10.22 3.16
CA SER A 6 -25.91 10.52 1.80
C SER A 6 -25.82 9.25 0.93
N TYR A 7 -26.52 9.29 -0.19
CA TYR A 7 -26.32 8.42 -1.36
C TYR A 7 -25.81 9.24 -2.53
N ARG A 8 -24.86 8.72 -3.27
CA ARG A 8 -24.37 9.31 -4.52
C ARG A 8 -24.15 8.20 -5.51
N VAL A 9 -24.04 8.55 -6.78
CA VAL A 9 -23.76 7.59 -7.86
C VAL A 9 -22.63 8.15 -8.72
N LYS A 10 -21.67 7.30 -9.09
CA LYS A 10 -20.59 7.64 -10.04
C LYS A 10 -20.50 6.59 -11.14
N ARG A 11 -20.17 7.01 -12.34
CA ARG A 11 -19.97 6.13 -13.50
C ARG A 11 -18.47 6.02 -13.74
N MET A 12 -17.91 4.97 -13.20
CA MET A 12 -16.45 4.69 -13.28
C MET A 12 -16.19 3.31 -12.67
N ASP A 13 -14.96 2.86 -12.82
CA ASP A 13 -14.46 1.59 -12.22
C ASP A 13 -14.41 1.73 -10.69
N ILE A 14 -15.10 0.85 -9.98
CA ILE A 14 -15.15 0.79 -8.49
C ILE A 14 -13.75 0.53 -7.92
N ALA A 15 -12.80 -0.04 -8.67
CA ALA A 15 -11.40 -0.19 -8.22
C ALA A 15 -10.71 1.15 -8.02
N LYS A 16 -11.27 2.27 -8.51
CA LYS A 16 -10.74 3.64 -8.34
C LYS A 16 -11.56 4.41 -7.28
N ASN A 17 -12.35 3.74 -6.44
CA ASN A 17 -13.25 4.43 -5.49
C ASN A 17 -12.48 5.29 -4.47
N ASP A 18 -13.15 6.28 -3.90
CA ASP A 18 -12.64 7.19 -2.87
C ASP A 18 -13.35 6.97 -1.53
N GLU A 19 -13.74 5.73 -1.23
CA GLU A 19 -14.46 5.37 0.00
C GLU A 19 -13.59 4.51 0.95
N GLU A 20 -14.07 4.30 2.16
CA GLU A 20 -13.26 3.60 3.20
C GLU A 20 -13.29 2.08 3.06
N CYS A 21 -14.20 1.54 2.26
CA CYS A 21 -14.25 0.11 1.96
C CYS A 21 -15.03 -0.10 0.66
N VAL A 22 -14.91 -1.30 0.13
CA VAL A 22 -15.56 -1.69 -1.15
C VAL A 22 -16.37 -2.95 -0.97
N VAL A 23 -17.48 -3.04 -1.70
CA VAL A 23 -18.29 -4.27 -1.84
C VAL A 23 -17.97 -4.87 -3.20
N ASN A 24 -17.52 -6.10 -3.18
CA ASN A 24 -17.30 -6.87 -4.41
C ASN A 24 -18.58 -7.61 -4.79
N ALA A 25 -18.95 -7.59 -6.05
CA ALA A 25 -20.01 -8.44 -6.60
C ALA A 25 -19.40 -9.82 -6.87
N ALA A 26 -19.25 -10.62 -5.83
CA ALA A 26 -18.44 -11.85 -5.80
C ALA A 26 -19.24 -13.04 -6.34
N ASN A 27 -18.45 -14.07 -6.68
CA ASN A 27 -19.03 -15.40 -6.91
C ASN A 27 -18.92 -16.22 -5.65
N PRO A 28 -19.69 -17.30 -5.49
CA PRO A 28 -19.64 -18.06 -4.22
C PRO A 28 -18.31 -18.78 -3.92
N ARG A 29 -17.45 -18.92 -4.93
CA ARG A 29 -16.21 -19.74 -4.84
C ARG A 29 -14.97 -18.91 -4.57
N GLY A 30 -15.09 -17.59 -4.48
CA GLY A 30 -13.92 -16.74 -4.29
C GLY A 30 -12.99 -16.77 -5.46
N LEU A 31 -13.51 -17.00 -6.68
CA LEU A 31 -12.71 -16.97 -7.93
C LEU A 31 -12.61 -15.57 -8.49
N PRO A 32 -11.55 -15.27 -9.29
CA PRO A 32 -11.41 -13.94 -9.92
C PRO A 32 -12.61 -13.47 -10.70
N GLY A 33 -13.32 -14.34 -11.42
CA GLY A 33 -14.60 -13.90 -12.02
C GLY A 33 -14.45 -12.97 -13.21
N ASP A 34 -15.51 -12.19 -13.48
CA ASP A 34 -15.70 -11.25 -14.62
C ASP A 34 -16.17 -9.90 -14.09
N GLY A 35 -16.13 -8.85 -14.92
CA GLY A 35 -16.75 -7.54 -14.57
C GLY A 35 -16.19 -6.95 -13.28
N VAL A 36 -17.05 -6.43 -12.39
CA VAL A 36 -16.62 -5.83 -11.09
C VAL A 36 -15.66 -6.80 -10.38
N CYS A 37 -15.98 -8.09 -10.29
CA CYS A 37 -15.17 -9.08 -9.55
C CYS A 37 -13.72 -9.14 -10.07
N LYS A 38 -13.57 -9.12 -11.41
CA LYS A 38 -12.28 -9.07 -12.15
C LYS A 38 -11.47 -7.84 -11.71
N ALA A 39 -12.13 -6.69 -11.68
CA ALA A 39 -11.49 -5.38 -11.37
C ALA A 39 -11.00 -5.43 -9.92
N VAL A 40 -11.83 -6.00 -9.04
CA VAL A 40 -11.55 -6.08 -7.59
C VAL A 40 -10.39 -7.05 -7.40
N TYR A 41 -10.34 -8.16 -8.17
CA TYR A 41 -9.24 -9.14 -8.03
C TYR A 41 -7.91 -8.48 -8.45
N LYS A 42 -7.93 -7.67 -9.51
CA LYS A 42 -6.67 -7.04 -9.97
C LYS A 42 -6.18 -6.02 -8.91
N LYS A 43 -7.10 -5.30 -8.28
CA LYS A 43 -6.75 -4.21 -7.35
C LYS A 43 -6.43 -4.70 -5.94
N TRP A 44 -7.14 -5.70 -5.45
CA TRP A 44 -7.06 -6.21 -4.07
C TRP A 44 -6.93 -7.73 -4.07
N PRO A 45 -5.98 -8.36 -4.80
CA PRO A 45 -5.97 -9.81 -4.87
C PRO A 45 -5.81 -10.53 -3.52
N GLU A 46 -5.14 -9.91 -2.56
CA GLU A 46 -4.94 -10.48 -1.22
C GLU A 46 -6.29 -10.70 -0.51
N SER A 47 -7.32 -9.94 -0.88
CA SER A 47 -8.64 -10.07 -0.24
C SER A 47 -9.39 -11.32 -0.69
N PHE A 48 -8.82 -12.11 -1.60
CA PHE A 48 -9.50 -13.36 -2.06
C PHE A 48 -9.00 -14.58 -1.28
N LYS A 49 -8.18 -14.37 -0.28
CA LYS A 49 -7.84 -15.51 0.63
C LYS A 49 -9.05 -15.94 1.46
N ASN A 50 -9.57 -17.14 1.25
CA ASN A 50 -10.73 -17.66 2.03
C ASN A 50 -11.95 -16.71 1.95
N SER A 51 -12.20 -16.20 0.74
CA SER A 51 -13.38 -15.34 0.49
C SER A 51 -14.61 -16.12 0.02
N ALA A 52 -14.53 -17.40 -0.30
CA ALA A 52 -15.72 -18.18 -0.69
C ALA A 52 -16.80 -18.11 0.39
N THR A 53 -18.05 -17.92 -0.02
CA THR A 53 -19.21 -17.77 0.89
C THR A 53 -20.47 -18.10 0.08
N PRO A 54 -21.54 -18.56 0.71
CA PRO A 54 -22.73 -18.94 -0.05
C PRO A 54 -23.50 -17.77 -0.63
N VAL A 55 -24.41 -18.10 -1.53
CA VAL A 55 -25.33 -17.10 -2.10
C VAL A 55 -26.11 -16.48 -0.97
N GLY A 56 -26.32 -15.15 -1.06
CA GLY A 56 -27.17 -14.42 -0.09
C GLY A 56 -26.39 -13.97 1.13
N THR A 57 -25.08 -14.16 1.14
CA THR A 57 -24.17 -13.78 2.23
C THR A 57 -23.08 -12.83 1.80
N ALA A 58 -22.43 -12.24 2.80
CA ALA A 58 -21.26 -11.38 2.59
C ALA A 58 -20.15 -11.80 3.53
N LYS A 59 -18.95 -11.79 3.05
CA LYS A 59 -17.75 -12.15 3.83
C LYS A 59 -16.67 -11.09 3.60
N THR A 60 -16.18 -10.45 4.67
CA THR A 60 -15.16 -9.40 4.59
C THR A 60 -13.76 -10.01 4.76
N VAL A 61 -12.88 -9.64 3.86
CA VAL A 61 -11.43 -9.95 3.96
C VAL A 61 -10.65 -8.67 3.75
N MET A 62 -9.71 -8.40 4.65
N MET A 62 -9.67 -8.45 4.63
CA MET A 62 -8.86 -7.18 4.64
CA MET A 62 -8.80 -7.26 4.58
C MET A 62 -7.74 -7.33 3.60
C MET A 62 -7.80 -7.40 3.42
N CYS A 63 -7.50 -6.29 2.79
CA CYS A 63 -6.31 -6.13 1.93
C CYS A 63 -5.49 -5.06 2.60
N GLY A 64 -4.43 -5.44 3.32
CA GLY A 64 -3.82 -4.47 4.25
C GLY A 64 -4.76 -4.11 5.33
N THR A 65 -5.19 -2.85 5.46
CA THR A 65 -6.23 -2.42 6.39
C THR A 65 -7.52 -2.04 5.62
N TYR A 66 -7.52 -2.23 4.32
CA TYR A 66 -8.68 -1.80 3.47
C TYR A 66 -9.68 -2.95 3.34
N PRO A 67 -10.91 -2.83 3.89
CA PRO A 67 -11.87 -3.95 3.86
C PRO A 67 -12.57 -4.16 2.51
N VAL A 68 -12.53 -5.41 2.04
CA VAL A 68 -13.24 -5.85 0.84
C VAL A 68 -14.38 -6.75 1.30
N ILE A 69 -15.63 -6.33 1.10
CA ILE A 69 -16.83 -7.06 1.54
C ILE A 69 -17.30 -7.86 0.31
N HIS A 70 -17.06 -9.15 0.31
CA HIS A 70 -17.48 -10.02 -0.83
C HIS A 70 -18.93 -10.39 -0.68
N ALA A 71 -19.83 -9.81 -1.48
CA ALA A 71 -21.29 -10.02 -1.41
C ALA A 71 -21.74 -10.87 -2.60
N VAL A 72 -22.35 -11.99 -2.29
CA VAL A 72 -22.72 -12.98 -3.34
C VAL A 72 -24.21 -12.91 -3.68
N GLY A 73 -24.53 -12.20 -4.74
CA GLY A 73 -25.89 -12.15 -5.26
C GLY A 73 -26.21 -13.41 -6.05
N PRO A 74 -27.49 -13.75 -6.16
CA PRO A 74 -27.92 -14.91 -6.96
C PRO A 74 -27.71 -14.70 -8.46
N ASN A 75 -27.44 -15.84 -9.12
CA ASN A 75 -27.43 -15.87 -10.61
C ASN A 75 -28.85 -16.20 -11.07
N PHE A 76 -29.57 -15.25 -11.61
CA PHE A 76 -30.99 -15.42 -12.04
C PHE A 76 -31.12 -16.44 -13.19
N SER A 77 -30.03 -16.89 -13.76
CA SER A 77 -30.09 -18.05 -14.70
C SER A 77 -30.52 -19.32 -13.96
N ASN A 78 -30.17 -19.44 -12.69
CA ASN A 78 -30.33 -20.70 -11.90
C ASN A 78 -31.45 -20.65 -10.90
N TYR A 79 -31.74 -19.47 -10.37
CA TYR A 79 -32.79 -19.23 -9.34
C TYR A 79 -34.10 -18.89 -10.06
N THR A 80 -35.23 -19.26 -9.46
CA THR A 80 -36.54 -18.74 -9.85
C THR A 80 -36.60 -17.23 -9.53
N GLU A 81 -37.46 -16.45 -10.16
CA GLU A 81 -37.61 -15.00 -9.81
C GLU A 81 -37.86 -14.82 -8.32
N SER A 82 -38.70 -15.64 -7.72
CA SER A 82 -39.08 -15.56 -6.31
C SER A 82 -37.84 -15.82 -5.44
N GLU A 83 -37.16 -16.94 -5.64
CA GLU A 83 -36.07 -17.34 -4.75
C GLU A 83 -34.89 -16.38 -4.99
N GLY A 84 -34.65 -15.98 -6.23
CA GLY A 84 -33.57 -15.02 -6.52
C GLY A 84 -33.85 -13.70 -5.85
N ASP A 85 -35.08 -13.21 -5.92
CA ASP A 85 -35.39 -11.93 -5.25
C ASP A 85 -35.08 -12.05 -3.77
N ARG A 86 -35.40 -13.15 -3.07
CA ARG A 86 -35.14 -13.32 -1.63
C ARG A 86 -33.63 -13.29 -1.38
N GLU A 87 -32.86 -13.98 -2.20
CA GLU A 87 -31.40 -14.09 -1.97
C GLU A 87 -30.74 -12.75 -2.25
N LEU A 88 -31.25 -11.96 -3.19
CA LEU A 88 -30.63 -10.65 -3.55
C LEU A 88 -30.90 -9.67 -2.41
N ALA A 89 -32.09 -9.68 -1.84
CA ALA A 89 -32.40 -8.87 -0.64
C ALA A 89 -31.48 -9.27 0.50
N ALA A 90 -31.30 -10.58 0.74
CA ALA A 90 -30.49 -11.11 1.84
C ALA A 90 -29.01 -10.66 1.67
N ALA A 91 -28.45 -10.72 0.47
CA ALA A 91 -27.03 -10.33 0.29
C ALA A 91 -26.89 -8.89 0.76
N TYR A 92 -27.80 -7.99 0.35
CA TYR A 92 -27.65 -6.57 0.76
C TYR A 92 -27.83 -6.41 2.27
N ARG A 93 -28.72 -7.17 2.92
CA ARG A 93 -28.84 -7.11 4.40
C ARG A 93 -27.50 -7.49 5.04
N GLU A 94 -26.80 -8.52 4.56
CA GLU A 94 -25.50 -8.93 5.11
C GLU A 94 -24.47 -7.84 4.82
N VAL A 95 -24.50 -7.12 3.69
CA VAL A 95 -23.59 -5.98 3.46
C VAL A 95 -23.81 -4.93 4.55
N ALA A 96 -25.05 -4.61 4.85
CA ALA A 96 -25.31 -3.54 5.85
C ALA A 96 -24.76 -3.95 7.21
N LYS A 97 -24.85 -5.22 7.58
CA LYS A 97 -24.27 -5.76 8.86
C LYS A 97 -22.75 -5.54 8.86
N GLU A 98 -22.08 -5.91 7.76
CA GLU A 98 -20.61 -5.77 7.71
C GLU A 98 -20.19 -4.31 7.74
N VAL A 99 -20.83 -3.44 6.95
CA VAL A 99 -20.52 -2.00 6.93
C VAL A 99 -20.64 -1.48 8.38
N THR A 100 -21.71 -1.85 9.08
CA THR A 100 -21.89 -1.39 10.48
C THR A 100 -20.79 -1.92 11.39
N ARG A 101 -20.49 -3.19 11.31
CA ARG A 101 -19.44 -3.85 12.15
C ARG A 101 -18.09 -3.20 11.95
N LEU A 102 -17.74 -2.81 10.73
CA LEU A 102 -16.42 -2.27 10.39
C LEU A 102 -16.25 -0.83 10.91
N GLY A 103 -17.32 -0.13 11.16
CA GLY A 103 -17.25 1.26 11.68
C GLY A 103 -16.83 2.27 10.65
N VAL A 104 -16.90 1.92 9.36
CA VAL A 104 -16.51 2.85 8.29
C VAL A 104 -17.49 4.02 8.18
N ASN A 105 -17.02 5.12 7.67
CA ASN A 105 -17.89 6.29 7.43
C ASN A 105 -18.35 6.34 5.97
N SER A 106 -17.86 5.47 5.10
CA SER A 106 -18.22 5.47 3.64
C SER A 106 -17.99 4.08 3.06
N VAL A 107 -18.77 3.73 2.03
CA VAL A 107 -18.65 2.41 1.34
C VAL A 107 -18.95 2.62 -0.15
N ALA A 108 -18.17 1.98 -1.02
CA ALA A 108 -18.40 1.89 -2.48
C ALA A 108 -19.14 0.58 -2.78
N ILE A 109 -20.22 0.63 -3.52
N ILE A 109 -20.29 0.65 -3.44
CA ILE A 109 -21.10 -0.55 -3.74
CA ILE A 109 -21.21 -0.49 -3.70
C ILE A 109 -21.63 -0.59 -5.16
C ILE A 109 -21.54 -0.56 -5.19
N PRO A 110 -21.51 -1.77 -5.81
CA PRO A 110 -22.07 -1.98 -7.14
C PRO A 110 -23.49 -2.51 -7.01
N LEU A 111 -24.27 -2.55 -8.11
CA LEU A 111 -25.63 -3.13 -8.08
C LEU A 111 -25.52 -4.64 -8.30
N LEU A 112 -25.70 -5.40 -7.25
CA LEU A 112 -25.60 -6.88 -7.29
C LEU A 112 -26.62 -7.46 -8.29
N SER A 113 -26.18 -8.56 -8.96
CA SER A 113 -27.04 -9.36 -9.87
C SER A 113 -27.57 -8.53 -11.07
N THR A 114 -26.89 -7.48 -11.50
CA THR A 114 -27.33 -6.66 -12.67
C THR A 114 -26.53 -6.96 -13.94
N GLY A 115 -25.43 -7.68 -13.86
CA GLY A 115 -24.55 -7.98 -15.02
C GLY A 115 -24.75 -9.43 -15.47
N VAL A 116 -23.69 -10.23 -15.41
CA VAL A 116 -23.79 -11.64 -15.93
C VAL A 116 -24.66 -12.52 -15.03
N TYR A 117 -25.07 -12.10 -13.83
CA TYR A 117 -26.01 -12.82 -12.97
C TYR A 117 -27.48 -12.35 -13.14
N SER A 118 -27.75 -11.46 -14.11
CA SER A 118 -29.11 -10.88 -14.28
C SER A 118 -30.10 -11.81 -15.01
N GLY A 119 -29.62 -12.95 -15.51
CA GLY A 119 -30.44 -13.83 -16.37
C GLY A 119 -31.04 -13.09 -17.56
N GLY A 120 -30.31 -12.09 -18.08
CA GLY A 120 -30.62 -11.34 -19.30
C GLY A 120 -31.73 -10.32 -19.11
N LYS A 121 -32.08 -9.95 -17.87
CA LYS A 121 -33.14 -8.97 -17.55
C LYS A 121 -32.54 -7.72 -16.92
N ASP A 122 -33.17 -6.58 -17.20
CA ASP A 122 -32.88 -5.27 -16.57
C ASP A 122 -33.37 -5.33 -15.14
N ARG A 123 -32.41 -5.36 -14.17
CA ARG A 123 -32.74 -5.42 -12.73
C ARG A 123 -32.24 -4.17 -12.00
N LEU A 124 -32.11 -3.03 -12.67
CA LEU A 124 -31.63 -1.79 -11.98
C LEU A 124 -32.55 -1.53 -10.80
N THR A 125 -33.84 -1.35 -11.03
CA THR A 125 -34.76 -0.93 -9.98
C THR A 125 -34.82 -1.98 -8.85
N GLN A 126 -34.88 -3.26 -9.21
CA GLN A 126 -35.01 -4.37 -8.21
C GLN A 126 -33.77 -4.33 -7.30
N SER A 127 -32.62 -4.28 -7.93
CA SER A 127 -31.34 -4.35 -7.17
C SER A 127 -31.17 -3.07 -6.34
N LEU A 128 -31.40 -1.89 -6.95
CA LEU A 128 -31.27 -0.60 -6.20
C LEU A 128 -32.24 -0.55 -5.02
N ASN A 129 -33.51 -0.97 -5.18
CA ASN A 129 -34.47 -0.92 -4.07
C ASN A 129 -34.02 -1.85 -2.95
N HIS A 130 -33.44 -3.01 -3.25
CA HIS A 130 -32.95 -3.89 -2.16
C HIS A 130 -31.72 -3.25 -1.47
N LEU A 131 -30.91 -2.55 -2.23
CA LEU A 131 -29.76 -1.77 -1.67
C LEU A 131 -30.32 -0.76 -0.66
N PHE A 132 -31.29 0.03 -1.07
CA PHE A 132 -31.84 1.06 -0.16
C PHE A 132 -32.44 0.40 1.06
N THR A 133 -33.23 -0.67 0.90
CA THR A 133 -33.91 -1.29 2.05
C THR A 133 -32.87 -1.67 3.13
N ALA A 134 -31.73 -2.20 2.70
CA ALA A 134 -30.67 -2.61 3.64
C ALA A 134 -29.91 -1.40 4.18
N MET A 135 -29.52 -0.46 3.33
CA MET A 135 -28.54 0.58 3.70
C MET A 135 -29.22 1.79 4.36
N ASP A 136 -30.51 1.94 4.26
CA ASP A 136 -31.15 3.18 4.77
C ASP A 136 -30.97 3.31 6.27
N SER A 137 -30.85 2.23 7.04
CA SER A 137 -30.70 2.29 8.52
C SER A 137 -29.24 2.46 8.90
N THR A 138 -28.29 2.43 7.95
CA THR A 138 -26.88 2.66 8.26
C THR A 138 -26.55 4.15 8.12
N ASP A 139 -25.47 4.59 8.77
CA ASP A 139 -25.05 6.02 8.71
C ASP A 139 -23.76 6.22 7.90
N ALA A 140 -23.33 5.22 7.11
CA ALA A 140 -22.23 5.44 6.16
C ALA A 140 -22.66 6.27 4.94
N ASP A 141 -21.79 7.11 4.41
CA ASP A 141 -21.98 7.64 3.04
C ASP A 141 -21.88 6.48 2.05
N VAL A 142 -22.89 6.29 1.22
CA VAL A 142 -22.94 5.21 0.21
C VAL A 142 -22.66 5.80 -1.16
N VAL A 143 -21.72 5.29 -1.91
CA VAL A 143 -21.41 5.73 -3.30
C VAL A 143 -21.62 4.50 -4.18
N ILE A 144 -22.63 4.55 -5.02
CA ILE A 144 -22.97 3.47 -5.95
C ILE A 144 -22.18 3.67 -7.21
N TYR A 145 -21.57 2.62 -7.71
CA TYR A 145 -20.74 2.62 -8.95
C TYR A 145 -21.49 1.87 -10.04
N CYS A 146 -21.50 2.45 -11.24
CA CYS A 146 -22.08 1.81 -12.45
C CYS A 146 -21.16 2.14 -13.65
N ARG A 147 -21.43 1.54 -14.81
N ARG A 147 -21.42 1.50 -14.79
CA ARG A 147 -20.58 1.75 -16.03
CA ARG A 147 -20.62 1.65 -16.04
C ARG A 147 -21.40 2.27 -17.21
C ARG A 147 -21.44 2.42 -17.09
N ASP A 148 -22.73 2.16 -17.17
CA ASP A 148 -23.59 2.59 -18.32
C ASP A 148 -24.14 4.00 -18.09
N LYS A 149 -24.11 4.84 -19.13
CA LYS A 149 -24.59 6.24 -19.05
C LYS A 149 -26.09 6.37 -18.73
N GLU A 150 -26.94 5.52 -19.31
CA GLU A 150 -28.38 5.57 -19.00
C GLU A 150 -28.65 5.11 -17.57
N TRP A 151 -27.93 4.09 -17.12
CA TRP A 151 -28.07 3.63 -15.72
C TRP A 151 -27.68 4.73 -14.73
N GLU A 152 -26.60 5.45 -15.04
CA GLU A 152 -26.17 6.55 -14.17
C GLU A 152 -27.35 7.52 -13.97
N LYS A 153 -28.01 7.90 -15.08
CA LYS A 153 -29.10 8.90 -15.02
C LYS A 153 -30.25 8.31 -14.18
N LYS A 154 -30.61 7.05 -14.41
CA LYS A 154 -31.74 6.43 -13.68
C LYS A 154 -31.47 6.27 -12.18
N ILE A 155 -30.24 5.86 -11.82
CA ILE A 155 -29.88 5.74 -10.39
C ILE A 155 -29.90 7.12 -9.73
N SER A 156 -29.35 8.13 -10.43
CA SER A 156 -29.31 9.52 -9.91
C SER A 156 -30.74 10.03 -9.68
N GLU A 157 -31.62 9.74 -10.62
CA GLU A 157 -33.06 10.13 -10.51
C GLU A 157 -33.69 9.46 -9.29
N ALA A 158 -33.44 8.17 -9.09
CA ALA A 158 -34.04 7.40 -7.99
C ALA A 158 -33.56 7.98 -6.66
N ILE A 159 -32.27 8.34 -6.59
CA ILE A 159 -31.73 8.92 -5.33
C ILE A 159 -32.43 10.26 -5.05
N GLN A 160 -32.48 11.12 -6.06
CA GLN A 160 -33.01 12.52 -5.94
C GLN A 160 -34.49 12.46 -5.59
N MET A 161 -35.26 11.48 -6.11
CA MET A 161 -36.73 11.32 -5.87
C MET A 161 -37.03 11.24 -4.39
N ARG A 162 -36.19 10.58 -3.59
CA ARG A 162 -36.40 10.39 -2.12
C ARG A 162 -36.02 11.69 -1.37
N THR A 163 -35.16 12.50 -2.00
CA THR A 163 -34.89 13.96 -1.85
C THR A 163 -33.38 14.17 -1.99
N GLY B 1 -5.06 34.07 -2.15
CA GLY B 1 -3.69 34.00 -2.71
C GLY B 1 -2.70 33.44 -1.72
N ALA B 2 -1.52 33.04 -2.19
CA ALA B 2 -0.42 32.56 -1.34
C ALA B 2 0.21 33.80 -0.72
N MET B 3 0.74 33.77 0.52
CA MET B 3 1.15 35.05 1.16
C MET B 3 2.38 35.63 0.44
N ALA B 4 3.16 34.77 -0.21
CA ALA B 4 4.23 35.18 -1.13
C ALA B 4 4.15 34.30 -2.37
N PRO B 5 3.27 34.67 -3.33
CA PRO B 5 3.10 33.84 -4.53
C PRO B 5 4.45 33.40 -5.12
N SER B 6 4.59 32.12 -5.43
CA SER B 6 5.83 31.49 -5.93
C SER B 6 5.55 30.60 -7.15
N TYR B 7 6.64 30.28 -7.81
CA TYR B 7 6.78 29.19 -8.79
C TYR B 7 7.75 28.14 -8.23
N ARG B 8 7.37 26.87 -8.34
CA ARG B 8 8.22 25.70 -7.94
C ARG B 8 8.14 24.65 -9.04
N VAL B 9 9.12 23.74 -9.11
CA VAL B 9 9.08 22.57 -10.03
C VAL B 9 9.24 21.27 -9.23
N LYS B 10 8.50 20.23 -9.62
CA LYS B 10 8.59 18.90 -9.00
C LYS B 10 8.68 17.90 -10.15
N ARG B 11 9.64 16.97 -10.07
CA ARG B 11 9.80 15.88 -11.06
C ARG B 11 9.08 14.63 -10.54
N MET B 12 7.79 14.48 -10.82
CA MET B 12 6.93 13.36 -10.37
C MET B 12 5.63 13.43 -11.14
N ASP B 13 4.81 12.39 -10.96
CA ASP B 13 3.47 12.20 -11.55
C ASP B 13 2.51 13.22 -10.93
N ILE B 14 1.96 14.06 -11.80
CA ILE B 14 1.09 15.18 -11.37
C ILE B 14 -0.17 14.63 -10.69
N ALA B 15 -0.53 13.37 -10.89
CA ALA B 15 -1.68 12.79 -10.15
C ALA B 15 -1.41 12.71 -8.62
N LYS B 16 -0.17 12.82 -8.18
CA LYS B 16 0.22 12.78 -6.73
C LYS B 16 0.40 14.18 -6.17
N ASN B 17 -0.03 15.22 -6.88
CA ASN B 17 0.17 16.62 -6.45
C ASN B 17 -0.50 16.89 -5.11
N ASP B 18 0.06 17.83 -4.34
CA ASP B 18 -0.47 18.28 -3.02
C ASP B 18 -1.17 19.64 -3.14
N GLU B 19 -1.41 20.11 -4.37
CA GLU B 19 -2.00 21.44 -4.62
C GLU B 19 -3.52 21.37 -4.62
N GLU B 20 -4.17 22.54 -4.63
CA GLU B 20 -5.63 22.68 -4.44
C GLU B 20 -6.38 22.42 -5.74
N CYS B 21 -5.66 22.21 -6.86
CA CYS B 21 -6.28 21.88 -8.16
C CYS B 21 -5.18 21.44 -9.12
N VAL B 22 -5.64 20.78 -10.18
CA VAL B 22 -4.73 20.20 -11.20
C VAL B 22 -5.17 20.73 -12.56
N VAL B 23 -4.16 20.96 -13.41
CA VAL B 23 -4.34 21.17 -14.88
C VAL B 23 -3.97 19.87 -15.61
N ASN B 24 -4.97 19.37 -16.33
CA ASN B 24 -4.79 18.22 -17.24
C ASN B 24 -4.29 18.77 -18.58
N ALA B 25 -3.31 18.08 -19.14
CA ALA B 25 -2.87 18.32 -20.54
C ALA B 25 -3.83 17.50 -21.40
N ALA B 26 -5.02 18.03 -21.67
CA ALA B 26 -6.21 17.34 -22.21
C ALA B 26 -6.13 17.26 -23.74
N ASN B 27 -6.86 16.30 -24.31
CA ASN B 27 -7.22 16.35 -25.73
C ASN B 27 -8.56 17.05 -25.89
N PRO B 28 -8.99 17.47 -27.09
CA PRO B 28 -10.25 18.19 -27.27
C PRO B 28 -11.52 17.37 -26.97
N ARG B 29 -11.42 16.04 -26.88
CA ARG B 29 -12.60 15.16 -26.91
C ARG B 29 -12.88 14.57 -25.54
N GLY B 30 -12.10 14.92 -24.53
CA GLY B 30 -12.27 14.37 -23.18
C GLY B 30 -12.07 12.87 -23.16
N LEU B 31 -11.10 12.40 -23.92
CA LEU B 31 -10.68 10.98 -23.99
C LEU B 31 -9.48 10.78 -23.09
N PRO B 32 -9.21 9.53 -22.65
CA PRO B 32 -8.06 9.26 -21.78
C PRO B 32 -6.58 9.59 -22.13
N GLY B 33 -6.15 9.45 -23.35
CA GLY B 33 -4.87 10.03 -23.82
C GLY B 33 -3.56 9.42 -23.30
N ASP B 34 -2.45 10.11 -23.54
CA ASP B 34 -1.06 9.75 -23.11
C ASP B 34 -0.56 10.78 -22.10
N GLY B 35 0.63 10.56 -21.53
CA GLY B 35 1.33 11.51 -20.65
C GLY B 35 0.52 11.81 -19.40
N VAL B 36 0.20 13.09 -19.18
CA VAL B 36 -0.57 13.59 -18.00
C VAL B 36 -2.01 13.09 -18.06
N CYS B 37 -2.61 13.03 -19.26
CA CYS B 37 -4.06 12.79 -19.42
C CYS B 37 -4.37 11.35 -18.95
N LYS B 38 -3.44 10.42 -19.19
CA LYS B 38 -3.53 9.01 -18.72
C LYS B 38 -3.42 8.96 -17.18
N ALA B 39 -2.45 9.66 -16.59
CA ALA B 39 -2.33 9.71 -15.11
C ALA B 39 -3.58 10.35 -14.48
N VAL B 40 -4.09 11.43 -15.07
CA VAL B 40 -5.31 12.11 -14.61
C VAL B 40 -6.56 11.24 -14.79
N TYR B 41 -6.65 10.45 -15.86
CA TYR B 41 -7.82 9.58 -16.08
C TYR B 41 -7.78 8.42 -15.07
N LYS B 42 -6.59 8.04 -14.67
CA LYS B 42 -6.42 6.86 -13.77
C LYS B 42 -7.01 7.26 -12.41
N LYS B 43 -6.92 8.52 -12.00
CA LYS B 43 -7.38 8.95 -10.65
C LYS B 43 -8.76 9.62 -10.69
N TRP B 44 -9.02 10.51 -11.67
CA TRP B 44 -10.23 11.34 -11.77
C TRP B 44 -10.97 11.08 -13.08
N PRO B 45 -11.35 9.82 -13.38
CA PRO B 45 -12.03 9.59 -14.64
C PRO B 45 -13.37 10.30 -14.71
N GLU B 46 -14.07 10.44 -13.55
CA GLU B 46 -15.38 11.15 -13.54
C GLU B 46 -15.20 12.64 -13.84
N SER B 47 -13.98 13.13 -13.77
CA SER B 47 -13.66 14.49 -14.26
C SER B 47 -13.70 14.61 -15.79
N PHE B 48 -13.80 13.51 -16.57
CA PHE B 48 -13.91 13.57 -18.04
C PHE B 48 -15.37 13.65 -18.47
N LYS B 49 -16.32 13.64 -17.52
CA LYS B 49 -17.73 13.77 -17.87
C LYS B 49 -17.92 15.13 -18.51
N ASN B 50 -18.21 15.14 -19.80
CA ASN B 50 -18.55 16.38 -20.55
C ASN B 50 -17.36 17.36 -20.48
N SER B 51 -16.15 16.86 -20.58
CA SER B 51 -14.93 17.72 -20.53
C SER B 51 -14.45 18.13 -21.94
N ALA B 52 -15.06 17.64 -23.02
CA ALA B 52 -14.64 18.00 -24.40
C ALA B 52 -14.66 19.54 -24.53
N THR B 53 -13.65 20.14 -25.14
CA THR B 53 -13.55 21.61 -25.26
C THR B 53 -12.55 21.88 -26.38
N PRO B 54 -12.66 23.00 -27.10
CA PRO B 54 -11.80 23.25 -28.24
C PRO B 54 -10.33 23.47 -27.89
N VAL B 55 -9.48 23.33 -28.91
CA VAL B 55 -8.05 23.69 -28.76
C VAL B 55 -7.98 25.15 -28.32
N GLY B 56 -7.05 25.48 -27.42
CA GLY B 56 -6.85 26.85 -26.95
C GLY B 56 -7.76 27.23 -25.83
N THR B 57 -8.48 26.30 -25.24
CA THR B 57 -9.41 26.57 -24.14
C THR B 57 -9.15 25.67 -22.94
N ALA B 58 -9.78 26.03 -21.84
CA ALA B 58 -9.77 25.23 -20.61
C ALA B 58 -11.20 25.06 -20.11
N LYS B 59 -11.51 23.84 -19.66
CA LYS B 59 -12.83 23.50 -19.10
C LYS B 59 -12.63 22.76 -17.77
N THR B 60 -13.24 23.28 -16.66
CA THR B 60 -13.03 22.71 -15.30
C THR B 60 -14.21 21.81 -14.94
N VAL B 61 -13.87 20.63 -14.48
CA VAL B 61 -14.88 19.67 -13.96
C VAL B 61 -14.51 19.40 -12.53
N MET B 62 -15.48 19.60 -11.62
CA MET B 62 -15.32 19.39 -10.17
C MET B 62 -15.51 17.90 -9.84
N CYS B 63 -14.55 17.34 -9.12
CA CYS B 63 -14.67 16.03 -8.45
C CYS B 63 -14.90 16.32 -6.98
N GLY B 64 -16.17 16.50 -6.56
CA GLY B 64 -16.45 16.98 -5.21
C GLY B 64 -15.92 18.39 -5.06
N THR B 65 -14.93 18.63 -4.20
CA THR B 65 -14.38 19.99 -3.99
C THR B 65 -13.12 20.21 -4.83
N TYR B 66 -12.63 19.17 -5.53
CA TYR B 66 -11.29 19.20 -6.17
C TYR B 66 -11.46 19.53 -7.66
N PRO B 67 -11.01 20.73 -8.12
CA PRO B 67 -11.10 21.11 -9.53
C PRO B 67 -10.01 20.51 -10.45
N VAL B 68 -10.50 19.88 -11.52
CA VAL B 68 -9.70 19.40 -12.67
C VAL B 68 -9.93 20.33 -13.85
N ILE B 69 -8.86 21.09 -14.15
CA ILE B 69 -8.88 22.08 -15.26
C ILE B 69 -8.29 21.44 -16.56
N HIS B 70 -9.18 21.06 -17.44
CA HIS B 70 -8.75 20.39 -18.71
C HIS B 70 -8.27 21.49 -19.67
N ALA B 71 -6.96 21.58 -19.91
CA ALA B 71 -6.34 22.62 -20.80
C ALA B 71 -5.89 21.96 -22.11
N VAL B 72 -6.47 22.42 -23.20
CA VAL B 72 -6.20 21.77 -24.54
C VAL B 72 -5.13 22.58 -25.32
N GLY B 73 -3.89 22.15 -25.25
CA GLY B 73 -2.85 22.70 -26.12
C GLY B 73 -2.94 22.11 -27.52
N PRO B 74 -2.37 22.82 -28.51
CA PRO B 74 -2.37 22.33 -29.90
C PRO B 74 -1.44 21.15 -30.08
N ASN B 75 -1.85 20.27 -31.03
CA ASN B 75 -0.96 19.21 -31.58
C ASN B 75 -0.14 19.83 -32.73
N PHE B 76 1.14 20.06 -32.50
CA PHE B 76 2.02 20.64 -33.56
C PHE B 76 2.23 19.66 -34.72
N SER B 77 1.76 18.43 -34.66
CA SER B 77 1.73 17.58 -35.90
C SER B 77 0.69 18.15 -36.86
N ASN B 78 -0.32 18.86 -36.39
CA ASN B 78 -1.50 19.33 -37.15
C ASN B 78 -1.54 20.84 -37.38
N TYR B 79 -1.06 21.61 -36.41
CA TYR B 79 -1.01 23.11 -36.43
C TYR B 79 0.36 23.57 -36.97
N THR B 80 0.34 24.63 -37.77
CA THR B 80 1.60 25.28 -38.15
C THR B 80 2.27 25.90 -36.93
N GLU B 81 3.52 26.22 -37.02
CA GLU B 81 4.29 26.88 -35.91
C GLU B 81 3.54 28.16 -35.54
N SER B 82 3.05 28.93 -36.49
CA SER B 82 2.38 30.21 -36.21
C SER B 82 1.08 29.96 -35.46
N GLU B 83 0.23 29.11 -36.01
CA GLU B 83 -1.13 28.95 -35.47
C GLU B 83 -1.03 28.21 -34.12
N GLY B 84 -0.12 27.28 -34.01
CA GLY B 84 0.14 26.52 -32.75
C GLY B 84 0.62 27.46 -31.69
N ASP B 85 1.50 28.39 -31.98
CA ASP B 85 2.04 29.28 -30.94
C ASP B 85 0.89 30.09 -30.35
N ARG B 86 -0.05 30.55 -31.16
CA ARG B 86 -1.18 31.36 -30.69
C ARG B 86 -2.07 30.47 -29.82
N GLU B 87 -2.37 29.24 -30.23
CA GLU B 87 -3.32 28.39 -29.48
C GLU B 87 -2.70 27.93 -28.16
N LEU B 88 -1.40 27.77 -28.11
CA LEU B 88 -0.69 27.36 -26.89
C LEU B 88 -0.70 28.52 -25.89
N ALA B 89 -0.50 29.74 -26.33
CA ALA B 89 -0.61 30.93 -25.45
C ALA B 89 -2.03 31.03 -24.95
N ALA B 90 -3.03 30.82 -25.80
CA ALA B 90 -4.46 30.93 -25.47
C ALA B 90 -4.81 29.91 -24.38
N ALA B 91 -4.36 28.66 -24.49
CA ALA B 91 -4.74 27.63 -23.50
C ALA B 91 -4.23 28.09 -22.15
N TYR B 92 -3.00 28.58 -22.05
CA TYR B 92 -2.49 29.04 -20.74
C TYR B 92 -3.27 30.27 -20.26
N ARG B 93 -3.65 31.20 -21.11
CA ARG B 93 -4.46 32.35 -20.67
C ARG B 93 -5.75 31.84 -20.04
N GLU B 94 -6.40 30.82 -20.63
N GLU B 94 -6.37 30.81 -20.63
CA GLU B 94 -7.66 30.26 -20.06
CA GLU B 94 -7.65 30.28 -20.12
C GLU B 94 -7.39 29.58 -18.72
C GLU B 94 -7.41 29.56 -18.78
N VAL B 95 -6.25 28.92 -18.59
CA VAL B 95 -5.86 28.32 -17.29
C VAL B 95 -5.78 29.44 -16.23
N ALA B 96 -5.15 30.56 -16.52
CA ALA B 96 -4.99 31.64 -15.51
C ALA B 96 -6.37 32.16 -15.13
N LYS B 97 -7.30 32.35 -16.06
CA LYS B 97 -8.69 32.80 -15.76
C LYS B 97 -9.36 31.78 -14.83
N GLU B 98 -9.23 30.49 -15.07
CA GLU B 98 -9.92 29.45 -14.28
C GLU B 98 -9.29 29.44 -12.91
N VAL B 99 -7.97 29.45 -12.78
CA VAL B 99 -7.31 29.44 -11.45
C VAL B 99 -7.83 30.66 -10.65
N THR B 100 -7.96 31.79 -11.29
CA THR B 100 -8.41 33.05 -10.62
C THR B 100 -9.85 32.82 -10.17
N ARG B 101 -10.69 32.34 -11.07
CA ARG B 101 -12.15 32.15 -10.76
C ARG B 101 -12.33 31.20 -9.58
N LEU B 102 -11.58 30.12 -9.50
CA LEU B 102 -11.70 29.03 -8.51
C LEU B 102 -11.27 29.51 -7.13
N GLY B 103 -10.43 30.55 -7.05
CA GLY B 103 -9.96 31.14 -5.77
C GLY B 103 -9.02 30.22 -5.04
N VAL B 104 -8.42 29.24 -5.70
CA VAL B 104 -7.41 28.34 -5.13
C VAL B 104 -6.19 29.16 -4.74
N ASN B 105 -5.43 28.68 -3.79
CA ASN B 105 -4.14 29.28 -3.36
C ASN B 105 -2.95 28.55 -3.98
N SER B 106 -3.18 27.39 -4.64
CA SER B 106 -2.11 26.62 -5.33
C SER B 106 -2.73 25.86 -6.53
N VAL B 107 -1.88 25.58 -7.50
CA VAL B 107 -2.29 24.79 -8.70
C VAL B 107 -1.09 24.01 -9.19
N ALA B 108 -1.33 22.78 -9.63
CA ALA B 108 -0.33 21.89 -10.25
C ALA B 108 -0.54 21.97 -11.77
N ILE B 109 0.51 22.27 -12.50
N ILE B 109 0.53 22.32 -12.49
CA ILE B 109 0.40 22.49 -13.98
CA ILE B 109 0.51 22.61 -13.97
C ILE B 109 1.54 21.79 -14.70
C ILE B 109 1.57 21.76 -14.67
N PRO B 110 1.23 21.06 -15.79
CA PRO B 110 2.27 20.45 -16.63
C PRO B 110 2.63 21.39 -17.81
N LEU B 111 3.70 21.11 -18.57
CA LEU B 111 4.05 21.94 -19.76
C LEU B 111 3.23 21.42 -20.93
N LEU B 112 2.25 22.16 -21.36
CA LEU B 112 1.34 21.83 -22.46
C LEU B 112 2.14 21.75 -23.76
N SER B 113 1.74 20.78 -24.57
CA SER B 113 2.25 20.56 -25.95
C SER B 113 3.74 20.14 -25.96
N THR B 114 4.26 19.57 -24.89
CA THR B 114 5.70 19.18 -24.82
C THR B 114 5.87 17.66 -25.05
N GLY B 115 4.80 16.87 -25.02
CA GLY B 115 4.93 15.40 -25.18
C GLY B 115 4.48 14.98 -26.56
N VAL B 116 3.45 14.15 -26.66
CA VAL B 116 3.01 13.61 -27.96
C VAL B 116 2.39 14.73 -28.81
N TYR B 117 2.08 15.92 -28.29
CA TYR B 117 1.62 17.07 -29.15
C TYR B 117 2.78 17.95 -29.57
N SER B 118 4.04 17.60 -29.33
CA SER B 118 5.21 18.47 -29.65
C SER B 118 5.56 18.54 -31.15
N GLY B 119 5.09 17.57 -31.94
CA GLY B 119 5.51 17.53 -33.36
C GLY B 119 6.96 17.11 -33.49
N GLY B 120 7.50 16.42 -32.49
CA GLY B 120 8.89 15.94 -32.47
C GLY B 120 9.91 17.00 -32.12
N LYS B 121 9.48 18.20 -31.66
CA LYS B 121 10.38 19.32 -31.32
C LYS B 121 10.46 19.48 -29.80
N ASP B 122 11.61 19.94 -29.31
CA ASP B 122 11.87 20.34 -27.90
C ASP B 122 11.16 21.69 -27.68
N ARG B 123 10.07 21.68 -26.89
CA ARG B 123 9.25 22.93 -26.68
C ARG B 123 9.27 23.37 -25.20
N LEU B 124 10.29 22.97 -24.43
CA LEU B 124 10.35 23.36 -22.99
C LEU B 124 10.28 24.90 -22.93
N THR B 125 11.17 25.62 -23.60
CA THR B 125 11.29 27.09 -23.43
C THR B 125 10.01 27.75 -23.95
N GLN B 126 9.47 27.34 -25.06
CA GLN B 126 8.24 27.92 -25.65
C GLN B 126 7.08 27.72 -24.68
N SER B 127 6.89 26.52 -24.21
CA SER B 127 5.72 26.21 -23.35
C SER B 127 5.88 26.91 -22.00
N LEU B 128 7.08 26.93 -21.42
CA LEU B 128 7.31 27.60 -20.13
C LEU B 128 7.11 29.11 -20.29
N ASN B 129 7.52 29.68 -21.39
CA ASN B 129 7.35 31.15 -21.63
C ASN B 129 5.86 31.45 -21.61
N HIS B 130 5.05 30.67 -22.31
CA HIS B 130 3.61 30.94 -22.36
C HIS B 130 2.95 30.70 -20.98
N LEU B 131 3.45 29.77 -20.22
CA LEU B 131 2.95 29.50 -18.86
C LEU B 131 3.22 30.77 -18.05
N PHE B 132 4.46 31.26 -18.03
CA PHE B 132 4.76 32.47 -17.23
C PHE B 132 3.92 33.63 -17.72
N THR B 133 3.82 33.84 -19.03
CA THR B 133 3.11 35.05 -19.52
C THR B 133 1.66 35.07 -18.96
N ALA B 134 1.01 33.92 -18.89
CA ALA B 134 -0.35 33.78 -18.37
C ALA B 134 -0.39 33.84 -16.85
N MET B 135 0.51 33.13 -16.17
CA MET B 135 0.35 32.92 -14.69
C MET B 135 1.02 34.04 -13.92
N ASP B 136 1.84 34.91 -14.51
CA ASP B 136 2.61 35.92 -13.74
C ASP B 136 1.63 36.81 -12.98
N SER B 137 0.48 37.16 -13.56
CA SER B 137 -0.47 38.13 -12.95
C SER B 137 -1.35 37.46 -11.90
N THR B 138 -1.29 36.14 -11.72
CA THR B 138 -2.09 35.39 -10.71
C THR B 138 -1.28 35.33 -9.41
N ASP B 139 -1.99 35.16 -8.27
CA ASP B 139 -1.32 35.05 -6.96
C ASP B 139 -1.37 33.64 -6.38
N ALA B 140 -1.79 32.62 -7.15
CA ALA B 140 -1.70 31.24 -6.69
C ALA B 140 -0.23 30.80 -6.65
N ASP B 141 0.12 29.95 -5.71
CA ASP B 141 1.39 29.20 -5.78
C ASP B 141 1.29 28.22 -6.95
N VAL B 142 2.22 28.31 -7.87
CA VAL B 142 2.23 27.44 -9.07
C VAL B 142 3.32 26.39 -8.92
N VAL B 143 2.94 25.11 -9.10
CA VAL B 143 3.86 23.96 -9.04
C VAL B 143 3.83 23.31 -10.44
N ILE B 144 4.96 23.43 -11.12
CA ILE B 144 5.17 22.89 -12.51
C ILE B 144 5.66 21.46 -12.38
N TYR B 145 4.99 20.53 -13.03
CA TYR B 145 5.34 19.07 -12.96
C TYR B 145 6.08 18.71 -14.26
N CYS B 146 7.05 17.82 -14.14
CA CYS B 146 7.77 17.24 -15.30
C CYS B 146 8.21 15.82 -14.88
N ARG B 147 8.78 15.06 -15.82
CA ARG B 147 9.21 13.65 -15.57
C ARG B 147 10.70 13.46 -15.89
N ASP B 148 11.32 14.39 -16.61
CA ASP B 148 12.71 14.25 -17.13
C ASP B 148 13.68 15.05 -16.25
N LYS B 149 14.80 14.45 -15.87
CA LYS B 149 15.79 15.10 -14.98
C LYS B 149 16.44 16.32 -15.63
N GLU B 150 16.77 16.30 -16.92
CA GLU B 150 17.36 17.47 -17.62
C GLU B 150 16.31 18.59 -17.71
N TRP B 151 15.05 18.23 -17.91
CA TRP B 151 13.93 19.22 -17.98
C TRP B 151 13.73 19.85 -16.60
N GLU B 152 13.69 19.05 -15.54
CA GLU B 152 13.58 19.58 -14.16
C GLU B 152 14.67 20.63 -13.96
N LYS B 153 15.93 20.30 -14.29
CA LYS B 153 17.06 21.23 -14.10
C LYS B 153 16.83 22.53 -14.88
N LYS B 154 16.42 22.45 -16.16
CA LYS B 154 16.24 23.66 -16.98
C LYS B 154 15.02 24.46 -16.49
N ILE B 155 13.95 23.82 -16.04
CA ILE B 155 12.75 24.59 -15.53
C ILE B 155 13.18 25.31 -14.24
N SER B 156 13.79 24.60 -13.30
CA SER B 156 14.31 25.19 -12.04
C SER B 156 15.22 26.37 -12.38
N GLU B 157 16.10 26.21 -13.34
CA GLU B 157 17.05 27.31 -13.72
C GLU B 157 16.26 28.53 -14.18
N ALA B 158 15.29 28.31 -15.07
CA ALA B 158 14.45 29.39 -15.62
C ALA B 158 13.71 30.10 -14.48
N ILE B 159 13.18 29.38 -13.49
CA ILE B 159 12.45 30.02 -12.34
C ILE B 159 13.41 30.93 -11.55
N GLN B 160 14.56 30.38 -11.15
CA GLN B 160 15.57 31.06 -10.28
C GLN B 160 16.10 32.32 -10.94
N MET B 161 16.24 32.30 -12.26
CA MET B 161 16.86 33.38 -13.07
C MET B 161 15.98 34.65 -13.06
N ARG B 162 14.72 34.57 -12.64
CA ARG B 162 13.78 35.71 -12.91
C ARG B 162 13.77 36.69 -11.75
N THR B 163 14.29 36.26 -10.60
CA THR B 163 14.07 36.87 -9.27
C THR B 163 15.45 37.07 -8.64
N GLY C 1 22.47 -7.47 15.25
CA GLY C 1 21.08 -7.51 15.86
C GLY C 1 21.08 -7.24 17.35
N ALA C 2 19.96 -6.75 17.92
CA ALA C 2 19.76 -6.70 19.38
C ALA C 2 19.68 -8.11 19.94
N MET C 3 20.19 -8.35 21.16
CA MET C 3 20.15 -9.72 21.78
C MET C 3 18.71 -10.21 21.98
N ALA C 4 17.76 -9.34 22.30
CA ALA C 4 16.33 -9.66 22.52
C ALA C 4 15.51 -8.55 21.88
N PRO C 5 15.39 -8.56 20.53
CA PRO C 5 14.77 -7.44 19.82
C PRO C 5 13.43 -7.03 20.42
N SER C 6 13.22 -5.73 20.63
CA SER C 6 12.03 -5.20 21.32
C SER C 6 11.39 -4.03 20.56
N TYR C 7 10.18 -3.66 20.97
CA TYR C 7 9.49 -2.39 20.66
C TYR C 7 9.35 -1.55 21.91
N ARG C 8 9.59 -0.25 21.82
CA ARG C 8 9.34 0.70 22.92
C ARG C 8 8.69 1.93 22.32
N VAL C 9 8.03 2.73 23.13
CA VAL C 9 7.51 4.04 22.74
C VAL C 9 8.02 5.10 23.71
N LYS C 10 8.38 6.24 23.15
CA LYS C 10 8.78 7.43 23.90
C LYS C 10 7.98 8.64 23.43
N ARG C 11 7.52 9.44 24.38
CA ARG C 11 6.93 10.77 24.11
C ARG C 11 8.04 11.82 24.22
N MET C 12 8.65 12.18 23.11
CA MET C 12 9.95 12.87 23.08
C MET C 12 10.21 13.31 21.64
N ASP C 13 10.97 14.39 21.46
CA ASP C 13 11.49 14.90 20.16
C ASP C 13 12.40 13.83 19.54
N ILE C 14 12.04 13.29 18.38
CA ILE C 14 12.82 12.26 17.68
C ILE C 14 14.20 12.84 17.30
N ALA C 15 14.32 14.15 17.20
CA ALA C 15 15.62 14.77 16.88
C ALA C 15 16.64 14.57 18.02
N LYS C 16 16.15 14.12 19.18
N LYS C 16 16.20 14.18 19.21
CA LYS C 16 16.96 13.88 20.40
CA LYS C 16 17.13 13.88 20.33
C LYS C 16 17.01 12.38 20.72
C LYS C 16 17.03 12.39 20.71
N ASN C 17 16.75 11.51 19.74
CA ASN C 17 16.74 10.07 20.00
C ASN C 17 18.08 9.46 20.48
N ASP C 18 17.99 8.32 21.10
CA ASP C 18 19.13 7.54 21.63
C ASP C 18 19.36 6.25 20.84
N GLU C 19 19.02 6.26 19.56
CA GLU C 19 19.22 5.08 18.72
C GLU C 19 20.30 5.27 17.65
N GLU C 20 20.63 4.18 16.96
CA GLU C 20 21.75 4.19 15.96
C GLU C 20 21.41 4.82 14.62
N CYS C 21 20.13 5.04 14.32
CA CYS C 21 19.68 5.75 13.12
C CYS C 21 18.25 6.26 13.32
N VAL C 22 17.83 7.15 12.45
CA VAL C 22 16.51 7.80 12.54
C VAL C 22 15.76 7.64 11.23
N VAL C 23 14.45 7.49 11.30
CA VAL C 23 13.50 7.61 10.17
C VAL C 23 12.89 8.97 10.16
N ASN C 24 13.08 9.68 9.03
CA ASN C 24 12.44 10.97 8.81
C ASN C 24 11.09 10.72 8.11
N ALA C 25 10.03 11.36 8.58
CA ALA C 25 8.73 11.39 7.85
C ALA C 25 8.87 12.46 6.76
N ALA C 26 9.39 12.02 5.65
CA ALA C 26 9.87 12.90 4.55
C ALA C 26 8.75 13.25 3.57
N ASN C 27 9.07 14.22 2.69
CA ASN C 27 8.23 14.59 1.54
C ASN C 27 8.99 14.18 0.30
N PRO C 28 8.32 13.90 -0.83
CA PRO C 28 9.02 13.40 -2.01
C PRO C 28 10.12 14.32 -2.58
N ARG C 29 10.05 15.62 -2.33
CA ARG C 29 10.97 16.64 -2.91
C ARG C 29 12.24 16.69 -2.06
N GLY C 30 12.24 16.13 -0.84
CA GLY C 30 13.42 16.24 0.00
C GLY C 30 13.57 17.63 0.59
N LEU C 31 12.47 18.35 0.84
CA LEU C 31 12.47 19.70 1.45
C LEU C 31 12.40 19.60 2.97
N PRO C 32 12.89 20.62 3.71
CA PRO C 32 12.67 20.71 5.15
C PRO C 32 11.24 20.44 5.65
N GLY C 33 10.20 20.89 4.94
CA GLY C 33 8.82 20.55 5.33
C GLY C 33 8.46 21.08 6.71
N ASP C 34 7.58 20.36 7.42
CA ASP C 34 7.01 20.74 8.75
C ASP C 34 6.99 19.50 9.66
N GLY C 35 6.58 19.66 10.92
CA GLY C 35 6.40 18.53 11.85
C GLY C 35 7.74 17.89 12.20
N VAL C 36 7.84 16.56 12.24
CA VAL C 36 9.13 15.85 12.48
C VAL C 36 10.12 16.27 11.38
N CYS C 37 9.66 16.47 10.14
CA CYS C 37 10.55 16.77 8.99
C CYS C 37 11.37 18.04 9.25
N LYS C 38 10.80 19.09 9.89
CA LYS C 38 11.52 20.34 10.26
C LYS C 38 12.55 20.14 11.39
N ALA C 39 12.16 19.60 12.54
CA ALA C 39 13.09 19.27 13.66
C ALA C 39 14.24 18.40 13.13
N VAL C 40 13.96 17.49 12.18
CA VAL C 40 14.95 16.55 11.59
C VAL C 40 15.93 17.36 10.71
N TYR C 41 15.40 18.29 9.91
CA TYR C 41 16.20 19.19 9.03
C TYR C 41 17.12 20.05 9.90
N LYS C 42 16.63 20.54 11.02
CA LYS C 42 17.43 21.43 11.91
C LYS C 42 18.56 20.61 12.55
N LYS C 43 18.32 19.34 12.88
CA LYS C 43 19.33 18.48 13.56
C LYS C 43 20.34 17.90 12.57
N TRP C 44 19.87 17.45 11.41
CA TRP C 44 20.72 16.74 10.42
C TRP C 44 20.58 17.32 9.03
N PRO C 45 20.82 18.65 8.87
CA PRO C 45 20.57 19.29 7.58
C PRO C 45 21.36 18.64 6.42
N GLU C 46 22.59 18.15 6.68
CA GLU C 46 23.47 17.53 5.65
C GLU C 46 22.81 16.31 5.01
N SER C 47 21.91 15.66 5.76
CA SER C 47 21.24 14.45 5.27
C SER C 47 20.15 14.77 4.24
N PHE C 48 19.87 16.06 3.96
CA PHE C 48 18.86 16.52 2.95
C PHE C 48 19.50 16.72 1.56
N LYS C 49 20.80 16.43 1.43
CA LYS C 49 21.52 16.41 0.11
C LYS C 49 21.00 15.25 -0.74
N ASN C 50 20.25 15.54 -1.81
CA ASN C 50 19.75 14.50 -2.76
C ASN C 50 18.90 13.46 -2.01
N SER C 51 18.08 13.94 -1.09
CA SER C 51 17.18 13.07 -0.26
C SER C 51 15.85 12.82 -0.95
N ALA C 52 15.55 13.51 -2.05
CA ALA C 52 14.26 13.33 -2.74
C ALA C 52 14.09 11.85 -3.08
N THR C 53 12.87 11.34 -2.89
CA THR C 53 12.56 9.92 -3.15
C THR C 53 11.02 9.78 -3.28
N PRO C 54 10.52 8.87 -4.15
CA PRO C 54 9.08 8.82 -4.39
C PRO C 54 8.25 8.38 -3.18
N VAL C 55 6.97 8.68 -3.26
CA VAL C 55 5.96 8.17 -2.30
C VAL C 55 6.05 6.65 -2.30
N GLY C 56 5.99 6.05 -1.09
CA GLY C 56 6.06 4.61 -0.93
C GLY C 56 7.46 4.01 -0.86
N THR C 57 8.50 4.88 -0.80
CA THR C 57 9.93 4.47 -0.78
C THR C 57 10.63 5.07 0.43
N ALA C 58 11.87 4.61 0.63
CA ALA C 58 12.79 5.17 1.65
C ALA C 58 14.16 5.28 1.02
N LYS C 59 14.84 6.38 1.35
CA LYS C 59 16.22 6.65 0.90
C LYS C 59 17.05 7.09 2.12
N THR C 60 18.21 6.44 2.31
CA THR C 60 19.14 6.77 3.41
C THR C 60 20.21 7.75 2.95
N VAL C 61 20.36 8.83 3.69
CA VAL C 61 21.50 9.77 3.49
C VAL C 61 22.18 9.93 4.85
N MET C 62 23.51 9.82 4.83
CA MET C 62 24.32 10.02 6.06
C MET C 62 24.45 11.49 6.41
N CYS C 63 24.37 11.80 7.69
CA CYS C 63 24.79 13.06 8.29
C CYS C 63 26.06 12.73 9.09
N GLY C 64 27.24 12.98 8.53
CA GLY C 64 28.45 12.38 9.12
C GLY C 64 28.49 10.88 8.89
N THR C 65 28.41 10.06 9.94
CA THR C 65 28.22 8.60 9.84
C THR C 65 26.79 8.21 10.34
N TYR C 66 25.98 9.17 10.74
CA TYR C 66 24.66 8.91 11.39
C TYR C 66 23.62 8.76 10.26
N PRO C 67 23.00 7.56 10.05
CA PRO C 67 22.06 7.37 8.96
C PRO C 67 20.70 8.02 9.25
N VAL C 68 20.24 8.83 8.29
CA VAL C 68 18.86 9.37 8.21
C VAL C 68 18.12 8.66 7.08
N ILE C 69 17.09 7.86 7.45
CA ILE C 69 16.29 7.10 6.49
C ILE C 69 15.06 7.94 6.16
N HIS C 70 15.03 8.56 4.96
CA HIS C 70 13.92 9.44 4.54
C HIS C 70 12.80 8.57 3.92
N ALA C 71 11.73 8.33 4.71
CA ALA C 71 10.60 7.47 4.33
C ALA C 71 9.42 8.34 3.96
N VAL C 72 8.91 8.10 2.73
CA VAL C 72 7.84 8.98 2.20
C VAL C 72 6.50 8.21 2.26
N GLY C 73 5.74 8.48 3.31
CA GLY C 73 4.35 7.98 3.37
C GLY C 73 3.49 8.80 2.42
N PRO C 74 2.31 8.26 2.05
CA PRO C 74 1.36 9.05 1.28
C PRO C 74 0.70 10.14 2.09
N ASN C 75 0.31 11.22 1.39
CA ASN C 75 -0.53 12.29 1.94
C ASN C 75 -1.98 11.91 1.63
N PHE C 76 -2.70 11.57 2.70
CA PHE C 76 -4.10 11.14 2.52
C PHE C 76 -5.07 12.28 2.16
N SER C 77 -4.60 13.53 2.11
CA SER C 77 -5.43 14.64 1.56
C SER C 77 -5.57 14.48 0.03
N ASN C 78 -4.64 13.76 -0.59
CA ASN C 78 -4.59 13.60 -2.05
C ASN C 78 -4.83 12.15 -2.44
N TYR C 79 -4.45 11.20 -1.61
CA TYR C 79 -4.56 9.75 -1.93
C TYR C 79 -5.92 9.24 -1.45
N THR C 80 -6.54 8.34 -2.19
CA THR C 80 -7.72 7.64 -1.66
C THR C 80 -7.32 6.70 -0.51
N GLU C 81 -8.29 6.30 0.29
CA GLU C 81 -8.00 5.30 1.35
C GLU C 81 -7.38 4.05 0.75
N SER C 82 -7.88 3.52 -0.36
CA SER C 82 -7.33 2.30 -0.99
C SER C 82 -5.89 2.50 -1.43
N GLU C 83 -5.63 3.52 -2.23
CA GLU C 83 -4.30 3.70 -2.83
C GLU C 83 -3.31 4.06 -1.72
N GLY C 84 -3.73 4.87 -0.78
CA GLY C 84 -2.79 5.32 0.27
C GLY C 84 -2.48 4.17 1.19
N ASP C 85 -3.42 3.25 1.48
CA ASP C 85 -3.09 2.11 2.36
C ASP C 85 -1.94 1.32 1.78
N ARG C 86 -1.91 1.13 0.46
CA ARG C 86 -0.85 0.33 -0.17
C ARG C 86 0.50 1.07 -0.17
N GLU C 87 0.48 2.39 -0.34
CA GLU C 87 1.73 3.19 -0.34
C GLU C 87 2.27 3.26 1.11
N LEU C 88 1.41 3.31 2.12
CA LEU C 88 1.85 3.43 3.54
C LEU C 88 2.52 2.09 3.91
N ALA C 89 1.94 0.96 3.53
CA ALA C 89 2.53 -0.36 3.78
C ALA C 89 3.89 -0.42 3.09
N ALA C 90 4.01 0.06 1.85
CA ALA C 90 5.25 -0.03 1.07
C ALA C 90 6.33 0.85 1.72
N ALA C 91 6.01 2.06 2.17
CA ALA C 91 7.03 2.94 2.78
C ALA C 91 7.64 2.19 3.97
N TYR C 92 6.83 1.53 4.81
CA TYR C 92 7.37 0.79 5.97
C TYR C 92 8.24 -0.38 5.56
N ARG C 93 7.82 -1.13 4.53
N ARG C 93 7.83 -1.13 4.53
CA ARG C 93 8.63 -2.24 4.01
CA ARG C 93 8.65 -2.25 4.03
C ARG C 93 10.00 -1.72 3.57
C ARG C 93 10.01 -1.71 3.55
N GLU C 94 10.05 -0.55 2.92
CA GLU C 94 11.35 0.04 2.50
C GLU C 94 12.15 0.45 3.74
N VAL C 95 11.52 0.92 4.81
CA VAL C 95 12.29 1.26 6.05
C VAL C 95 12.91 -0.03 6.58
N ALA C 96 12.16 -1.14 6.63
CA ALA C 96 12.70 -2.42 7.14
C ALA C 96 13.90 -2.84 6.29
N LYS C 97 13.87 -2.68 4.96
CA LYS C 97 15.02 -3.03 4.11
C LYS C 97 16.21 -2.10 4.42
N GLU C 98 15.96 -0.81 4.57
CA GLU C 98 17.08 0.12 4.89
C GLU C 98 17.73 -0.20 6.23
N VAL C 99 16.91 -0.40 7.28
CA VAL C 99 17.47 -0.75 8.62
C VAL C 99 18.29 -2.02 8.52
N THR C 100 17.85 -3.01 7.78
CA THR C 100 18.54 -4.30 7.63
C THR C 100 19.87 -4.05 6.88
N ARG C 101 19.82 -3.32 5.78
CA ARG C 101 21.02 -3.01 4.95
C ARG C 101 22.09 -2.36 5.84
N LEU C 102 21.68 -1.43 6.67
CA LEU C 102 22.65 -0.64 7.49
C LEU C 102 23.30 -1.46 8.59
N GLY C 103 22.71 -2.56 9.05
CA GLY C 103 23.27 -3.42 10.09
C GLY C 103 23.11 -2.83 11.49
N VAL C 104 22.28 -1.83 11.66
CA VAL C 104 22.09 -1.14 12.96
C VAL C 104 21.38 -2.07 13.95
N ASN C 105 21.61 -1.83 15.25
CA ASN C 105 20.99 -2.63 16.31
C ASN C 105 19.76 -1.90 16.88
N SER C 106 19.50 -0.68 16.45
CA SER C 106 18.35 0.12 16.90
C SER C 106 18.00 1.22 15.90
N VAL C 107 16.74 1.62 15.93
CA VAL C 107 16.18 2.61 15.02
C VAL C 107 15.11 3.42 15.74
N ALA C 108 15.06 4.74 15.60
CA ALA C 108 14.05 5.69 16.04
C ALA C 108 13.09 5.95 14.88
N ILE C 109 11.80 5.67 15.09
N ILE C 109 11.80 5.83 15.12
CA ILE C 109 10.73 5.74 14.03
CA ILE C 109 10.81 5.85 13.99
C ILE C 109 9.56 6.61 14.51
C ILE C 109 9.53 6.52 14.44
N PRO C 110 9.00 7.47 13.64
CA PRO C 110 7.71 8.10 13.87
C PRO C 110 6.60 7.28 13.16
N LEU C 111 5.35 7.55 13.51
CA LEU C 111 4.21 6.91 12.78
C LEU C 111 3.99 7.71 11.49
N LEU C 112 4.32 7.11 10.38
CA LEU C 112 4.17 7.73 9.05
C LEU C 112 2.70 8.03 8.75
N SER C 113 2.46 9.14 8.09
CA SER C 113 1.15 9.58 7.56
C SER C 113 0.17 9.87 8.69
N THR C 114 0.62 10.25 9.89
CA THR C 114 -0.28 10.55 11.01
C THR C 114 -0.38 12.03 11.38
N GLY C 115 0.39 12.89 10.77
CA GLY C 115 0.37 14.36 11.05
C GLY C 115 -0.28 15.11 9.91
N VAL C 116 0.48 15.97 9.22
CA VAL C 116 -0.01 16.79 8.10
C VAL C 116 -0.39 15.89 6.91
N TYR C 117 0.05 14.63 6.86
CA TYR C 117 -0.28 13.69 5.75
C TYR C 117 -1.48 12.81 6.16
N SER C 118 -2.12 13.04 7.31
CA SER C 118 -3.25 12.19 7.74
C SER C 118 -4.54 12.48 7.00
N GLY C 119 -4.62 13.59 6.26
CA GLY C 119 -5.92 14.00 5.68
C GLY C 119 -6.99 14.25 6.73
N GLY C 120 -6.59 14.61 7.96
CA GLY C 120 -7.50 14.94 9.07
C GLY C 120 -8.13 13.72 9.76
N LYS C 121 -7.63 12.52 9.54
CA LYS C 121 -8.17 11.30 10.17
C LYS C 121 -7.19 10.78 11.22
N ASP C 122 -7.70 10.10 12.23
CA ASP C 122 -6.83 9.44 13.23
C ASP C 122 -6.29 8.13 12.64
N ARG C 123 -4.98 8.10 12.32
CA ARG C 123 -4.38 6.89 11.67
C ARG C 123 -3.38 6.18 12.60
N LEU C 124 -3.50 6.30 13.92
CA LEU C 124 -2.61 5.60 14.85
C LEU C 124 -2.57 4.10 14.59
N THR C 125 -3.74 3.43 14.66
CA THR C 125 -3.81 1.97 14.54
C THR C 125 -3.33 1.55 13.14
N GLN C 126 -3.80 2.25 12.09
CA GLN C 126 -3.41 1.89 10.69
C GLN C 126 -1.88 1.97 10.52
N SER C 127 -1.31 3.09 10.92
CA SER C 127 0.13 3.32 10.74
C SER C 127 0.93 2.31 11.58
N LEU C 128 0.54 2.13 12.85
CA LEU C 128 1.23 1.18 13.74
C LEU C 128 1.13 -0.25 13.22
N ASN C 129 -0.05 -0.66 12.70
CA ASN C 129 -0.17 -2.01 12.13
C ASN C 129 0.82 -2.20 10.97
N HIS C 130 0.92 -1.22 10.06
CA HIS C 130 1.86 -1.33 8.93
C HIS C 130 3.33 -1.37 9.45
N LEU C 131 3.62 -0.60 10.49
CA LEU C 131 4.97 -0.58 11.10
C LEU C 131 5.33 -1.97 11.60
N PHE C 132 4.40 -2.58 12.38
CA PHE C 132 4.66 -3.94 12.88
C PHE C 132 4.81 -4.93 11.73
N THR C 133 3.94 -4.87 10.71
CA THR C 133 3.96 -5.84 9.59
C THR C 133 5.37 -5.82 8.97
N ALA C 134 5.94 -4.64 8.79
CA ALA C 134 7.29 -4.49 8.17
C ALA C 134 8.44 -4.80 9.14
N MET C 135 8.34 -4.34 10.39
CA MET C 135 9.50 -4.43 11.31
C MET C 135 9.53 -5.73 12.12
N ASP C 136 8.45 -6.49 12.18
CA ASP C 136 8.44 -7.69 13.07
C ASP C 136 9.54 -8.64 12.66
N SER C 137 9.89 -8.74 11.37
CA SER C 137 10.93 -9.69 10.91
C SER C 137 12.37 -9.15 11.02
N THR C 138 12.54 -7.92 11.48
CA THR C 138 13.85 -7.33 11.76
C THR C 138 14.29 -7.61 13.18
N ASP C 139 15.60 -7.56 13.42
CA ASP C 139 16.18 -7.81 14.77
C ASP C 139 16.71 -6.54 15.40
N ALA C 140 16.36 -5.36 14.89
CA ALA C 140 16.73 -4.10 15.55
C ALA C 140 15.79 -3.80 16.71
N ASP C 141 16.27 -3.16 17.79
CA ASP C 141 15.39 -2.52 18.76
C ASP C 141 14.67 -1.37 18.05
N VAL C 142 13.37 -1.33 18.10
CA VAL C 142 12.57 -0.27 17.50
C VAL C 142 12.07 0.65 18.58
N VAL C 143 12.28 1.93 18.48
CA VAL C 143 11.79 2.94 19.43
C VAL C 143 10.89 3.91 18.68
N ILE C 144 9.58 3.90 18.98
CA ILE C 144 8.59 4.78 18.32
C ILE C 144 8.49 6.09 19.07
N TYR C 145 8.53 7.20 18.37
CA TYR C 145 8.49 8.55 18.98
C TYR C 145 7.15 9.18 18.67
N CYS C 146 6.51 9.72 19.70
CA CYS C 146 5.25 10.47 19.53
C CYS C 146 5.28 11.74 20.38
N ARG C 147 4.26 12.58 20.24
CA ARG C 147 4.18 13.91 20.94
C ARG C 147 3.03 13.96 21.94
N ASP C 148 1.96 13.20 21.68
CA ASP C 148 0.68 13.26 22.43
C ASP C 148 0.66 12.19 23.53
N LYS C 149 0.20 12.54 24.72
CA LYS C 149 0.12 11.59 25.85
C LYS C 149 -0.93 10.50 25.60
N GLU C 150 -2.06 10.79 24.95
CA GLU C 150 -3.08 9.74 24.64
C GLU C 150 -2.50 8.75 23.60
N TRP C 151 -1.76 9.27 22.62
CA TRP C 151 -1.11 8.40 21.58
C TRP C 151 -0.04 7.52 22.26
N GLU C 152 0.76 8.07 23.19
CA GLU C 152 1.77 7.26 23.91
C GLU C 152 1.10 6.05 24.59
N LYS C 153 -0.01 6.31 25.30
CA LYS C 153 -0.80 5.27 26.02
C LYS C 153 -1.32 4.21 25.03
N LYS C 154 -1.90 4.65 23.91
CA LYS C 154 -2.49 3.75 22.88
C LYS C 154 -1.40 2.90 22.23
N ILE C 155 -0.23 3.49 21.95
CA ILE C 155 0.91 2.74 21.32
C ILE C 155 1.49 1.74 22.32
N SER C 156 1.65 2.20 23.57
CA SER C 156 2.20 1.33 24.63
C SER C 156 1.31 0.10 24.84
N GLU C 157 0.00 0.27 24.90
CA GLU C 157 -0.97 -0.85 25.06
C GLU C 157 -0.86 -1.82 23.88
N ALA C 158 -0.77 -1.30 22.65
CA ALA C 158 -0.67 -2.17 21.45
C ALA C 158 0.60 -3.05 21.53
N ILE C 159 1.72 -2.47 21.96
CA ILE C 159 3.00 -3.20 22.07
C ILE C 159 2.84 -4.31 23.13
N GLN C 160 2.33 -3.96 24.31
CA GLN C 160 2.28 -4.90 25.46
C GLN C 160 1.24 -6.00 25.18
N MET C 161 0.20 -5.73 24.38
CA MET C 161 -0.84 -6.76 24.04
C MET C 161 -0.20 -7.98 23.37
N ARG C 162 0.97 -7.86 22.70
CA ARG C 162 1.58 -8.99 21.91
C ARG C 162 2.68 -9.72 22.70
N THR C 163 3.09 -9.21 23.85
CA THR C 163 4.19 -9.80 24.67
C THR C 163 3.57 -10.74 25.69
N PRO D 5 24.59 -39.08 9.98
CA PRO D 5 23.41 -38.42 10.57
C PRO D 5 22.16 -38.53 9.68
N SER D 6 21.68 -39.76 9.47
N SER D 6 21.66 -39.77 9.46
CA SER D 6 20.56 -40.10 8.55
CA SER D 6 20.53 -40.14 8.58
C SER D 6 19.74 -38.84 8.25
C SER D 6 19.61 -38.94 8.30
N TYR D 7 19.11 -38.81 7.07
CA TYR D 7 18.11 -37.79 6.68
C TYR D 7 16.88 -38.48 6.14
N ARG D 8 15.70 -38.06 6.60
CA ARG D 8 14.38 -38.42 6.07
C ARG D 8 13.56 -37.18 5.87
N VAL D 9 12.49 -37.29 5.11
CA VAL D 9 11.51 -36.22 4.91
C VAL D 9 10.13 -36.79 5.21
N LYS D 10 9.28 -35.97 5.83
CA LYS D 10 7.86 -36.26 6.07
C LYS D 10 7.04 -35.05 5.63
N ARG D 11 5.94 -35.32 4.98
CA ARG D 11 4.89 -34.34 4.57
C ARG D 11 3.84 -34.34 5.67
N MET D 12 4.04 -33.51 6.70
CA MET D 12 3.08 -33.43 7.81
C MET D 12 3.47 -32.22 8.67
N ASP D 13 2.56 -31.88 9.57
CA ASP D 13 2.70 -30.74 10.51
C ASP D 13 3.82 -31.07 11.49
N ILE D 14 4.86 -30.25 11.53
CA ILE D 14 6.05 -30.45 12.42
C ILE D 14 5.60 -30.43 13.89
N ALA D 15 4.47 -29.79 14.18
CA ALA D 15 3.89 -29.76 15.55
C ALA D 15 3.53 -31.20 15.98
N LYS D 16 3.46 -32.15 15.06
CA LYS D 16 3.11 -33.58 15.36
C LYS D 16 4.32 -34.48 15.13
N ASN D 17 5.55 -33.97 15.21
CA ASN D 17 6.76 -34.74 14.91
C ASN D 17 6.97 -35.90 15.88
N ASP D 18 7.74 -36.90 15.48
CA ASP D 18 8.08 -38.12 16.26
C ASP D 18 9.54 -38.09 16.65
N GLU D 19 10.15 -36.92 16.85
CA GLU D 19 11.58 -36.80 17.17
C GLU D 19 11.80 -36.23 18.59
N GLU D 20 13.03 -36.29 19.08
CA GLU D 20 13.34 -35.88 20.49
C GLU D 20 13.34 -34.38 20.70
N CYS D 21 13.37 -33.58 19.63
CA CYS D 21 13.36 -32.11 19.78
C CYS D 21 12.91 -31.51 18.46
N VAL D 22 12.56 -30.23 18.48
CA VAL D 22 12.01 -29.54 17.27
C VAL D 22 12.75 -28.24 17.08
N VAL D 23 12.91 -27.90 15.79
CA VAL D 23 13.40 -26.58 15.35
C VAL D 23 12.21 -25.74 14.88
N ASN D 24 12.02 -24.61 15.52
CA ASN D 24 11.04 -23.60 15.13
C ASN D 24 11.64 -22.67 14.06
N ALA D 25 10.86 -22.39 13.02
CA ALA D 25 11.23 -21.32 12.06
C ALA D 25 10.70 -20.02 12.65
N ALA D 26 11.50 -19.48 13.56
CA ALA D 26 11.10 -18.39 14.47
C ALA D 26 11.27 -17.00 13.86
N ASN D 27 10.66 -16.01 14.45
CA ASN D 27 10.92 -14.59 14.15
C ASN D 27 11.86 -14.09 15.23
N PRO D 28 12.52 -12.95 15.01
CA PRO D 28 13.47 -12.49 15.99
C PRO D 28 12.89 -12.01 17.32
N ARG D 29 11.61 -11.75 17.32
CA ARG D 29 10.93 -11.09 18.48
C ARG D 29 10.25 -12.11 19.39
N GLY D 30 10.30 -13.39 19.07
CA GLY D 30 9.60 -14.37 19.90
C GLY D 30 8.12 -14.21 19.79
N LEU D 31 7.56 -13.66 18.71
CA LEU D 31 6.10 -13.54 18.52
C LEU D 31 5.52 -14.85 17.98
N PRO D 32 4.21 -15.10 18.20
CA PRO D 32 3.58 -16.30 17.66
C PRO D 32 3.71 -16.47 16.14
N GLY D 33 3.66 -15.35 15.40
CA GLY D 33 3.86 -15.41 13.94
C GLY D 33 2.75 -16.12 13.20
N ASP D 34 3.15 -16.82 12.13
CA ASP D 34 2.30 -17.53 11.13
C ASP D 34 3.02 -18.81 10.70
N GLY D 35 2.35 -19.69 9.94
CA GLY D 35 2.99 -20.88 9.38
C GLY D 35 3.49 -21.82 10.49
N VAL D 36 4.68 -22.38 10.27
CA VAL D 36 5.37 -23.29 11.23
C VAL D 36 5.36 -22.60 12.59
N CYS D 37 5.72 -21.33 12.67
CA CYS D 37 5.90 -20.62 13.95
C CYS D 37 4.59 -20.65 14.74
N LYS D 38 3.44 -20.42 14.10
CA LYS D 38 2.15 -20.38 14.84
C LYS D 38 1.82 -21.80 15.31
N ALA D 39 2.11 -22.83 14.50
CA ALA D 39 1.80 -24.23 14.88
C ALA D 39 2.65 -24.60 16.11
N VAL D 40 3.89 -24.14 16.13
CA VAL D 40 4.84 -24.39 17.24
C VAL D 40 4.30 -23.65 18.47
N TYR D 41 3.84 -22.40 18.30
CA TYR D 41 3.25 -21.62 19.41
C TYR D 41 2.01 -22.33 20.00
N LYS D 42 1.14 -22.87 19.16
CA LYS D 42 -0.08 -23.54 19.70
C LYS D 42 0.33 -24.82 20.46
N LYS D 43 1.37 -25.51 20.01
CA LYS D 43 1.74 -26.83 20.58
C LYS D 43 2.60 -26.69 21.83
N TRP D 44 3.58 -25.76 21.83
CA TRP D 44 4.58 -25.57 22.88
C TRP D 44 4.65 -24.10 23.29
N PRO D 45 3.53 -23.47 23.72
CA PRO D 45 3.54 -22.02 23.99
C PRO D 45 4.54 -21.65 25.09
N GLU D 46 4.80 -22.54 26.06
CA GLU D 46 5.72 -22.22 27.16
C GLU D 46 7.12 -21.99 26.65
N SER D 47 7.44 -22.55 25.48
CA SER D 47 8.79 -22.41 24.88
C SER D 47 9.06 -21.01 24.33
N PHE D 48 8.05 -20.13 24.34
CA PHE D 48 8.25 -18.73 23.85
C PHE D 48 8.66 -17.76 24.98
N LYS D 49 8.89 -18.26 26.20
CA LYS D 49 9.42 -17.44 27.31
C LYS D 49 10.85 -17.01 26.97
N ASN D 50 11.06 -15.71 26.70
CA ASN D 50 12.41 -15.19 26.38
C ASN D 50 13.05 -15.96 25.22
N SER D 51 12.25 -16.24 24.19
CA SER D 51 12.78 -16.89 22.97
C SER D 51 13.32 -15.87 21.97
N ALA D 52 13.07 -14.59 22.13
CA ALA D 52 13.61 -13.57 21.17
C ALA D 52 15.11 -13.76 21.02
N THR D 53 15.62 -13.63 19.78
CA THR D 53 17.04 -13.83 19.46
C THR D 53 17.32 -13.23 18.08
N PRO D 54 18.55 -12.83 17.80
CA PRO D 54 18.78 -12.16 16.53
C PRO D 54 18.67 -13.10 15.31
N VAL D 55 18.60 -12.46 14.13
CA VAL D 55 18.72 -13.22 12.86
C VAL D 55 20.04 -13.97 12.82
N GLY D 56 20.07 -15.19 12.29
CA GLY D 56 21.28 -16.01 12.19
C GLY D 56 21.64 -16.75 13.44
N THR D 57 20.78 -16.74 14.44
CA THR D 57 21.02 -17.42 15.74
C THR D 57 19.92 -18.42 16.06
N ALA D 58 20.25 -19.30 17.02
CA ALA D 58 19.26 -20.24 17.57
C ALA D 58 19.25 -20.15 19.10
N LYS D 59 18.10 -20.23 19.69
CA LYS D 59 17.94 -20.16 21.16
C LYS D 59 16.97 -21.26 21.56
N THR D 60 17.48 -22.18 22.42
CA THR D 60 16.66 -23.33 22.87
C THR D 60 15.92 -22.98 24.17
N VAL D 61 14.65 -23.26 24.18
CA VAL D 61 13.78 -23.11 25.38
C VAL D 61 13.00 -24.40 25.53
N MET D 62 12.88 -24.84 26.78
N MET D 62 13.02 -24.97 26.74
CA MET D 62 12.18 -26.09 27.14
CA MET D 62 12.32 -26.24 27.06
C MET D 62 10.67 -25.86 27.17
C MET D 62 10.81 -25.99 27.25
N CYS D 63 9.96 -26.88 26.74
CA CYS D 63 8.53 -26.95 27.08
C CYS D 63 8.42 -28.25 27.87
N GLY D 64 8.33 -28.17 29.20
CA GLY D 64 8.52 -29.41 29.98
C GLY D 64 9.95 -29.83 29.87
N THR D 65 10.22 -31.04 29.35
CA THR D 65 11.58 -31.51 29.06
C THR D 65 11.82 -31.58 27.55
N TYR D 66 10.85 -31.09 26.78
CA TYR D 66 10.94 -31.19 25.29
C TYR D 66 11.63 -29.90 24.78
N PRO D 67 12.82 -30.02 24.12
CA PRO D 67 13.53 -28.83 23.63
C PRO D 67 12.97 -28.27 22.32
N VAL D 68 12.71 -26.96 22.34
CA VAL D 68 12.29 -26.18 21.13
C VAL D 68 13.45 -25.26 20.80
N ILE D 69 14.09 -25.51 19.64
CA ILE D 69 15.28 -24.76 19.16
C ILE D 69 14.72 -23.65 18.26
N HIS D 70 14.62 -22.43 18.72
CA HIS D 70 14.08 -21.32 17.92
C HIS D 70 15.19 -20.78 17.01
N ALA D 71 15.08 -21.03 15.71
CA ALA D 71 16.13 -20.68 14.74
C ALA D 71 15.58 -19.55 13.86
N VAL D 72 16.32 -18.45 13.80
CA VAL D 72 15.85 -17.24 13.09
C VAL D 72 16.56 -17.12 11.74
N GLY D 73 15.91 -17.58 10.70
CA GLY D 73 16.44 -17.36 9.34
C GLY D 73 16.17 -15.94 8.92
N PRO D 74 16.89 -15.44 7.91
CA PRO D 74 16.65 -14.12 7.39
C PRO D 74 15.36 -14.03 6.58
N ASN D 75 14.75 -12.84 6.62
CA ASN D 75 13.64 -12.50 5.71
C ASN D 75 14.26 -11.90 4.44
N PHE D 76 14.24 -12.62 3.33
CA PHE D 76 14.78 -12.13 2.05
C PHE D 76 13.99 -10.95 1.48
N SER D 77 12.84 -10.54 2.00
CA SER D 77 12.27 -9.21 1.69
C SER D 77 13.17 -8.10 2.21
N ASN D 78 13.94 -8.33 3.28
CA ASN D 78 14.73 -7.26 3.94
C ASN D 78 16.20 -7.35 3.55
N TYR D 79 16.73 -8.58 3.43
CA TYR D 79 18.17 -8.85 3.20
C TYR D 79 18.45 -8.95 1.70
N THR D 80 19.63 -8.51 1.30
CA THR D 80 20.13 -8.84 -0.06
C THR D 80 20.37 -10.33 -0.18
N GLU D 81 20.42 -10.84 -1.42
CA GLU D 81 20.77 -12.26 -1.62
C GLU D 81 22.08 -12.58 -0.92
N SER D 82 23.12 -11.75 -1.06
CA SER D 82 24.46 -12.00 -0.50
C SER D 82 24.36 -12.05 1.05
N GLU D 83 23.80 -11.02 1.67
CA GLU D 83 23.82 -10.99 3.16
C GLU D 83 22.88 -12.05 3.74
N GLY D 84 21.75 -12.25 3.09
CA GLY D 84 20.78 -13.28 3.51
C GLY D 84 21.36 -14.68 3.41
N ASP D 85 22.12 -14.99 2.36
CA ASP D 85 22.76 -16.33 2.28
C ASP D 85 23.66 -16.60 3.48
N ARG D 86 24.45 -15.62 3.94
CA ARG D 86 25.37 -15.76 5.09
C ARG D 86 24.49 -16.02 6.33
N GLU D 87 23.42 -15.28 6.52
CA GLU D 87 22.59 -15.42 7.74
C GLU D 87 21.85 -16.75 7.73
N LEU D 88 21.47 -17.28 6.58
CA LEU D 88 20.74 -18.56 6.48
C LEU D 88 21.72 -19.68 6.87
N ALA D 89 22.96 -19.65 6.36
CA ALA D 89 24.01 -20.59 6.75
C ALA D 89 24.20 -20.52 8.27
N ALA D 90 24.26 -19.33 8.84
CA ALA D 90 24.57 -19.09 10.27
C ALA D 90 23.45 -19.68 11.13
N ALA D 91 22.19 -19.48 10.74
CA ALA D 91 21.07 -20.03 11.55
C ALA D 91 21.23 -21.56 11.61
N TYR D 92 21.42 -22.23 10.51
CA TYR D 92 21.57 -23.70 10.52
C TYR D 92 22.82 -24.16 11.30
N ARG D 93 23.93 -23.45 11.16
CA ARG D 93 25.17 -23.69 11.95
C ARG D 93 24.78 -23.73 13.44
N GLU D 94 24.06 -22.71 13.90
CA GLU D 94 23.68 -22.56 15.33
C GLU D 94 22.72 -23.69 15.73
N VAL D 95 21.80 -24.10 14.86
CA VAL D 95 20.90 -25.27 15.11
C VAL D 95 21.79 -26.50 15.36
N ALA D 96 22.75 -26.78 14.49
CA ALA D 96 23.63 -27.98 14.63
C ALA D 96 24.33 -27.97 15.98
N LYS D 97 24.83 -26.81 16.42
CA LYS D 97 25.59 -26.68 17.69
C LYS D 97 24.65 -26.92 18.88
N GLU D 98 23.38 -26.56 18.76
CA GLU D 98 22.39 -26.86 19.83
C GLU D 98 22.06 -28.35 19.83
N VAL D 99 21.79 -28.95 18.66
CA VAL D 99 21.50 -30.41 18.57
C VAL D 99 22.65 -31.18 19.24
N THR D 100 23.90 -30.86 18.95
CA THR D 100 25.06 -31.60 19.53
C THR D 100 25.04 -31.37 21.03
N ARG D 101 24.88 -30.12 21.49
CA ARG D 101 24.96 -29.77 22.93
C ARG D 101 23.87 -30.52 23.72
N LEU D 102 22.67 -30.63 23.18
CA LEU D 102 21.53 -31.28 23.87
C LEU D 102 21.73 -32.80 23.92
N GLY D 103 22.55 -33.35 23.02
CA GLY D 103 22.86 -34.79 22.97
C GLY D 103 21.67 -35.64 22.54
N VAL D 104 20.72 -35.08 21.83
CA VAL D 104 19.54 -35.81 21.32
C VAL D 104 19.96 -36.84 20.26
N ASN D 105 19.07 -37.80 20.05
CA ASN D 105 19.24 -38.82 19.00
C ASN D 105 18.58 -38.38 17.69
N SER D 106 17.63 -37.45 17.74
CA SER D 106 16.80 -37.12 16.57
C SER D 106 16.30 -35.69 16.72
N VAL D 107 16.09 -35.05 15.59
CA VAL D 107 15.58 -33.65 15.52
C VAL D 107 14.64 -33.52 14.34
N ALA D 108 13.51 -32.83 14.51
CA ALA D 108 12.52 -32.41 13.51
C ALA D 108 12.89 -31.00 13.06
N ILE D 109 13.05 -30.77 11.75
N ILE D 109 13.06 -30.81 11.74
CA ILE D 109 13.57 -29.46 11.25
CA ILE D 109 13.52 -29.52 11.14
C ILE D 109 12.84 -29.05 9.98
C ILE D 109 12.63 -29.10 9.97
N PRO D 110 12.31 -27.80 9.89
CA PRO D 110 11.70 -27.25 8.69
C PRO D 110 12.76 -26.58 7.83
N LEU D 111 12.41 -26.29 6.57
CA LEU D 111 13.34 -25.53 5.70
C LEU D 111 13.20 -24.03 5.96
N LEU D 112 14.20 -23.50 6.66
CA LEU D 112 14.21 -22.08 7.05
C LEU D 112 14.15 -21.17 5.83
N SER D 113 13.48 -20.05 5.95
CA SER D 113 13.44 -18.94 4.96
C SER D 113 12.75 -19.38 3.66
N THR D 114 11.96 -20.47 3.66
CA THR D 114 11.26 -20.95 2.43
C THR D 114 9.80 -20.53 2.32
N GLY D 115 9.19 -19.96 3.34
CA GLY D 115 7.79 -19.54 3.38
C GLY D 115 7.66 -18.04 3.24
N VAL D 116 7.08 -17.36 4.22
CA VAL D 116 6.88 -15.89 4.11
C VAL D 116 8.21 -15.14 4.26
N TYR D 117 9.32 -15.78 4.65
CA TYR D 117 10.67 -15.13 4.61
C TYR D 117 11.38 -15.35 3.27
N SER D 118 10.74 -15.96 2.28
CA SER D 118 11.42 -16.30 0.98
C SER D 118 11.57 -15.10 0.04
N GLY D 119 10.94 -13.96 0.29
CA GLY D 119 10.99 -12.82 -0.61
C GLY D 119 10.36 -13.19 -1.95
N GLY D 120 9.44 -14.17 -1.95
CA GLY D 120 8.66 -14.60 -3.14
C GLY D 120 9.44 -15.51 -4.09
N LYS D 121 10.59 -16.04 -3.68
CA LYS D 121 11.47 -16.91 -4.48
C LYS D 121 11.38 -18.35 -3.97
N ASP D 122 11.61 -19.32 -4.85
CA ASP D 122 11.72 -20.76 -4.52
C ASP D 122 13.11 -20.95 -3.95
N ARG D 123 13.21 -21.22 -2.64
CA ARG D 123 14.49 -21.45 -1.94
C ARG D 123 14.62 -22.87 -1.38
N LEU D 124 13.92 -23.85 -1.96
CA LEU D 124 14.07 -25.26 -1.50
C LEU D 124 15.52 -25.68 -1.55
N THR D 125 16.17 -25.59 -2.74
CA THR D 125 17.55 -26.08 -2.92
C THR D 125 18.54 -25.34 -2.00
N GLN D 126 18.40 -24.02 -1.97
CA GLN D 126 19.28 -23.14 -1.15
C GLN D 126 19.15 -23.54 0.35
N SER D 127 17.93 -23.55 0.83
CA SER D 127 17.71 -23.87 2.29
C SER D 127 18.19 -25.30 2.63
N LEU D 128 17.84 -26.28 1.77
CA LEU D 128 18.27 -27.68 2.00
C LEU D 128 19.79 -27.80 1.94
N ASN D 129 20.48 -27.06 1.03
CA ASN D 129 21.94 -27.17 0.96
C ASN D 129 22.60 -26.67 2.24
N HIS D 130 22.13 -25.55 2.81
CA HIS D 130 22.65 -25.07 4.11
C HIS D 130 22.31 -26.06 5.28
N LEU D 131 21.11 -26.64 5.23
CA LEU D 131 20.69 -27.67 6.22
C LEU D 131 21.68 -28.85 6.22
N PHE D 132 21.94 -29.42 5.04
CA PHE D 132 22.85 -30.59 4.96
C PHE D 132 24.26 -30.16 5.44
N THR D 133 24.75 -29.00 4.98
CA THR D 133 26.10 -28.57 5.38
C THR D 133 26.25 -28.54 6.89
N ALA D 134 25.28 -27.93 7.58
CA ALA D 134 25.35 -27.80 9.05
C ALA D 134 25.10 -29.14 9.73
N MET D 135 24.09 -29.88 9.32
CA MET D 135 23.62 -31.06 10.11
C MET D 135 24.57 -32.22 9.83
N ASP D 136 25.34 -32.18 8.73
CA ASP D 136 26.33 -33.27 8.50
C ASP D 136 27.33 -33.31 9.63
N SER D 137 27.49 -32.25 10.41
CA SER D 137 28.48 -32.18 11.51
C SER D 137 27.97 -32.83 12.81
N THR D 138 26.71 -33.29 12.83
CA THR D 138 26.06 -33.98 13.97
C THR D 138 25.90 -35.48 13.68
N ASP D 139 25.56 -36.28 14.70
CA ASP D 139 25.29 -37.73 14.51
C ASP D 139 23.79 -38.02 14.65
N ALA D 140 22.93 -36.99 14.66
CA ALA D 140 21.49 -37.16 14.91
C ALA D 140 20.79 -37.65 13.66
N ASP D 141 19.73 -38.41 13.85
CA ASP D 141 18.69 -38.65 12.82
C ASP D 141 17.95 -37.34 12.60
N VAL D 142 17.98 -36.84 11.37
CA VAL D 142 17.34 -35.57 11.01
C VAL D 142 16.13 -35.88 10.19
N VAL D 143 14.99 -35.38 10.59
CA VAL D 143 13.70 -35.52 9.89
C VAL D 143 13.21 -34.14 9.45
N ILE D 144 13.18 -33.93 8.14
CA ILE D 144 12.75 -32.65 7.52
C ILE D 144 11.27 -32.69 7.30
N TYR D 145 10.55 -31.64 7.69
CA TYR D 145 9.10 -31.54 7.61
C TYR D 145 8.72 -30.53 6.53
N CYS D 146 7.81 -30.90 5.62
CA CYS D 146 7.24 -30.00 4.56
C CYS D 146 5.74 -30.22 4.43
N ARG D 147 5.01 -29.39 3.67
CA ARG D 147 3.54 -29.53 3.54
C ARG D 147 3.15 -29.81 2.09
N ASP D 148 4.07 -29.71 1.15
CA ASP D 148 3.75 -29.76 -0.31
C ASP D 148 4.28 -31.08 -0.91
N LYS D 149 3.48 -31.75 -1.75
CA LYS D 149 3.89 -33.06 -2.32
C LYS D 149 5.06 -32.90 -3.31
N GLU D 150 5.11 -31.82 -4.09
CA GLU D 150 6.25 -31.62 -5.02
C GLU D 150 7.55 -31.37 -4.23
N TRP D 151 7.43 -30.60 -3.16
CA TRP D 151 8.56 -30.30 -2.24
C TRP D 151 9.01 -31.60 -1.57
N GLU D 152 8.06 -32.44 -1.12
CA GLU D 152 8.41 -33.77 -0.53
C GLU D 152 9.25 -34.58 -1.52
N LYS D 153 8.82 -34.66 -2.78
CA LYS D 153 9.52 -35.49 -3.81
C LYS D 153 10.94 -34.92 -4.06
N LYS D 154 11.03 -33.59 -4.18
CA LYS D 154 12.31 -32.89 -4.46
C LYS D 154 13.26 -33.06 -3.27
N ILE D 155 12.74 -32.93 -2.03
CA ILE D 155 13.64 -33.10 -0.86
C ILE D 155 14.12 -34.56 -0.81
N SER D 156 13.21 -35.51 -1.03
CA SER D 156 13.52 -36.96 -1.02
C SER D 156 14.58 -37.29 -2.08
N GLU D 157 14.45 -36.71 -3.28
CA GLU D 157 15.44 -36.89 -4.38
C GLU D 157 16.80 -36.33 -3.96
N ALA D 158 16.83 -35.14 -3.33
CA ALA D 158 18.12 -34.55 -2.87
C ALA D 158 18.79 -35.47 -1.84
N ILE D 159 17.99 -36.05 -0.93
CA ILE D 159 18.52 -36.98 0.09
C ILE D 159 19.12 -38.19 -0.65
N GLN D 160 18.34 -38.77 -1.56
CA GLN D 160 18.72 -40.00 -2.32
C GLN D 160 20.04 -39.73 -3.06
N MET D 161 20.16 -38.55 -3.70
CA MET D 161 21.29 -38.22 -4.60
C MET D 161 22.62 -38.03 -3.85
N ARG D 162 22.67 -37.96 -2.51
CA ARG D 162 23.93 -37.78 -1.74
C ARG D 162 24.52 -39.12 -1.28
N THR D 163 23.72 -40.19 -1.26
CA THR D 163 24.00 -41.44 -0.48
C THR D 163 25.15 -42.24 -1.12
S DMS E . -2.49 -2.65 -8.43
O DMS E . -2.72 -3.41 -7.07
C1 DMS E . -4.04 -2.20 -9.01
C2 DMS E . -2.07 -3.88 -9.67
S DMS F . -19.84 -12.42 -11.35
O DMS F . -18.75 -11.55 -11.89
C1 DMS F . -19.17 -13.12 -9.86
C2 DMS F . -19.79 -13.90 -12.33
S DMS G . -26.68 -3.41 -17.72
O DMS G . -26.13 -3.45 -16.31
C1 DMS G . -25.56 -4.39 -18.70
C2 DMS G . -26.22 -1.82 -18.36
C TRS H . -28.39 -18.73 2.37
C1 TRS H . -28.68 -17.25 2.69
C2 TRS H . -26.98 -19.15 2.79
C3 TRS H . -29.43 -19.62 3.03
N TRS H . -28.47 -18.88 0.87
O1 TRS H . -29.99 -16.82 2.28
O2 TRS H . -26.85 -19.27 4.19
O3 TRS H . -29.49 -20.90 2.43
S DMS I . -12.43 -9.06 9.17
O DMS I . -13.15 -7.72 9.04
C1 DMS I . -11.89 -9.50 7.57
C2 DMS I . -13.70 -10.31 9.34
S DMS J . -25.93 11.23 -7.80
O DMS J . -24.74 11.58 -7.00
C1 DMS J . -25.81 12.22 -9.30
C2 DMS J . -27.36 11.94 -7.04
CL CL K . -23.64 -9.56 -11.76
CL CL L . -23.99 -0.38 -15.26
CL CL M . -12.87 4.43 -15.07
N1 LF6 N . -17.25 -0.81 -11.67
N3 LF6 N . -18.18 -2.54 -12.89
C4 LF6 N . -20.87 -3.70 -13.30
C5 LF6 N . -21.34 -3.37 -14.71
C6 LF6 N . -22.06 -4.65 -15.17
C7 LF6 N . -22.44 -5.42 -13.89
C8 LF6 N . -22.05 -4.48 -12.73
C1 LF6 N . -15.71 -2.25 -12.81
C2 LF6 N . -17.09 -1.84 -12.46
S1 LF6 N . -18.90 -0.64 -11.37
C3 LF6 N . -19.26 -2.02 -12.35
N2 LF6 N . -20.51 -2.52 -12.51
C9 LF6 N . -21.85 -5.17 -11.39
O1 LF6 N . -21.16 -6.41 -11.48
S DMS O . -16.59 6.62 -17.49
O DMS O . -16.64 5.13 -17.27
C1 DMS O . -15.20 7.09 -16.48
C2 DMS O . -15.76 6.93 -19.05
S DMS P . -0.47 -4.31 1.95
O DMS P . -1.34 -3.05 1.84
C1 DMS P . 0.50 -4.37 0.48
C2 DMS P . -1.50 -5.72 1.57
S DMS Q . -2.44 13.86 -24.72
O DMS Q . -3.89 13.60 -24.47
C1 DMS Q . -2.36 15.64 -24.95
C2 DMS Q . -2.25 13.38 -26.38
S DMS R . 10.47 15.60 -23.46
O DMS R . 11.48 15.59 -22.32
C1 DMS R . 8.93 16.02 -22.70
C2 DMS R . 10.11 13.91 -23.86
CL CL S . 9.25 16.10 -18.90
N1 LF6 T . 2.98 14.13 -14.91
N3 LF6 T . 3.21 13.64 -17.17
C4 LF6 T . 4.17 15.00 -19.54
C5 LF6 T . 5.51 14.39 -19.97
C6 LF6 T . 5.39 14.32 -21.48
C7 LF6 T . 4.43 15.45 -21.88
C8 LF6 T . 3.97 16.10 -20.56
C1 LF6 T . 2.23 11.95 -15.53
C2 LF6 T . 2.81 13.28 -15.89
S1 LF6 T . 3.72 15.53 -15.54
C3 LF6 T . 3.73 14.85 -17.12
N2 LF6 T . 4.18 15.52 -18.19
C9 LF6 T . 2.57 16.70 -20.59
O1 LF6 T . 1.52 15.74 -20.58
S DMS U . 4.27 12.67 11.92
O DMS U . 4.87 11.61 11.00
C1 DMS U . 5.06 12.45 13.51
C2 DMS U . 5.00 14.22 11.46
CL CL V . 1.67 11.96 18.44
CL CL W . 6.43 10.56 -6.03
CL CL X . 2.82 13.17 8.47
S DMS Y . 22.09 21.39 15.81
O DMS Y . 22.56 20.79 14.48
C1 DMS Y . 20.64 20.54 16.27
C2 DMS Y . 21.26 22.93 15.37
S DMS Z . 5.57 16.15 5.92
O DMS Z . 6.12 14.77 5.62
C1 DMS Z . 6.88 17.30 5.59
C2 DMS Z . 5.51 16.30 7.70
S DMS AA . -1.69 13.70 16.23
O DMS AA . -1.55 13.34 17.69
C1 DMS AA . -0.13 13.28 15.47
C2 DMS AA . -1.54 15.46 16.13
S DMS BA . 8.74 -22.27 6.15
O DMS BA . 7.29 -21.99 6.41
C1 DMS BA . 8.88 -24.06 6.10
C2 DMS BA . 9.52 -22.07 7.71
C TRS CA . 24.54 -11.88 13.56
C1 TRS CA . 25.21 -10.52 13.77
C2 TRS CA . 25.42 -12.73 12.65
C3 TRS CA . 24.29 -12.62 14.88
N TRS CA . 23.22 -11.63 12.85
O1 TRS CA . 25.20 -9.76 12.58
O2 TRS CA . 24.87 -14.01 12.41
O3 TRS CA . 23.97 -11.77 15.97
S DMS DA . -2.08 -28.61 22.56
O DMS DA . -1.48 -29.05 21.24
C1 DMS DA . -2.96 -27.12 22.25
C2 DMS DA . -0.75 -27.96 23.58
S DMS EA . 7.97 -16.50 9.88
O DMS EA . 7.29 -16.74 11.21
C1 DMS EA . 7.14 -17.63 8.78
C2 DMS EA . 9.52 -17.36 9.91
S DMS FA . 18.48 -25.06 27.55
O DMS FA . 18.70 -26.26 26.67
C1 DMS FA . 16.79 -24.58 27.33
C2 DMS FA . 19.23 -23.68 26.72
CL CL GA . 6.53 -27.13 1.89
CL CL HA . 9.83 -18.81 6.37
#